data_8TWD
#
_entry.id   8TWD
#
_cell.length_a   130.664
_cell.length_b   191.229
_cell.length_c   96.985
_cell.angle_alpha   90.000
_cell.angle_beta   90.000
_cell.angle_gamma   90.000
#
_symmetry.space_group_name_H-M   'C 2 2 21'
#
loop_
_entity.id
_entity.type
_entity.pdbx_description
1 polymer 'Anti-adapter protein IraM'
2 polymer 'Regulator of RpoS'
3 non-polymer 'ACETATE ION'
#
loop_
_entity_poly.entity_id
_entity_poly.type
_entity_poly.pdbx_seq_one_letter_code
_entity_poly.pdbx_strand_id
1 'polypeptide(L)'
;GPHMKWIVIDTVIQPTCGISFSAIWGNMKMIIWYQSTIFLPPGSIFTPVKSGIILKDKEYPITIYHIAPFNKDLWSLLKS
S
;
A,B
2 'polypeptide(L)'
;MTQPLVGKQILIVEDEQVFRSLLDSWFSSLGATTVLAADGVDALELLGGFTPDLMICDIAMPRMNGLKLLEHIRNRGDQT
PVLVISATENMADIAKALRLGVEDVLLKPVKDLNRLREMVFACLYPSMFNSRVEEEERLFRDWDAMVDNPAAAAKLLQEL
QPPVQQVISHCRVNYRQLVAADKPGLVLDIAALSENDLAFYCLDVTRAGHNGVLAALLLRALFNGLLQEQLAHQNQRLPE
LGALLKQVNHLLRQANLPGQFPLLVGYYHRELKNLILVSAGLNATLNTGEHQVQISNGVPLGTLGNAYLNQLSQRCDAWQ
CQIWGTGGRLRLMLSAE
;
C,D
#
loop_
_chem_comp.id
_chem_comp.type
_chem_comp.name
_chem_comp.formula
ACT non-polymer 'ACETATE ION' 'C2 H3 O2 -1'
#
# COMPACT_ATOMS: atom_id res chain seq x y z
N PRO A 2 16.62 -14.29 -0.13
CA PRO A 2 16.42 -12.84 -0.10
C PRO A 2 15.64 -12.36 1.13
N HIS A 3 15.84 -11.10 1.51
CA HIS A 3 15.17 -10.50 2.64
C HIS A 3 15.10 -9.00 2.42
N MET A 4 13.96 -8.40 2.73
CA MET A 4 13.82 -6.96 2.56
C MET A 4 14.83 -6.22 3.43
N LYS A 5 15.43 -5.17 2.85
CA LYS A 5 16.45 -4.37 3.52
C LYS A 5 15.95 -2.94 3.63
N TRP A 6 15.19 -2.65 4.68
CA TRP A 6 14.73 -1.30 4.95
C TRP A 6 15.75 -0.58 5.82
N ILE A 7 15.83 0.74 5.62
CA ILE A 7 16.85 1.56 6.26
C ILE A 7 16.17 2.72 6.98
N VAL A 8 16.59 2.95 8.22
CA VAL A 8 16.05 4.05 9.01
C VAL A 8 16.76 5.34 8.59
N ILE A 9 16.01 6.25 7.98
CA ILE A 9 16.57 7.52 7.54
C ILE A 9 16.87 8.42 8.74
N ASP A 10 15.99 8.40 9.73
CA ASP A 10 16.11 9.24 10.92
C ASP A 10 15.12 8.72 11.95
N THR A 11 15.24 9.24 13.18
CA THR A 11 14.35 8.83 14.26
C THR A 11 14.26 9.95 15.28
N VAL A 12 13.06 10.12 15.84
CA VAL A 12 12.81 11.07 16.92
C VAL A 12 12.07 10.35 18.04
N ILE A 13 12.46 10.63 19.27
CA ILE A 13 11.85 10.04 20.45
C ILE A 13 11.33 11.17 21.34
N GLN A 14 10.07 11.07 21.74
CA GLN A 14 9.43 12.10 22.54
C GLN A 14 9.38 11.67 23.99
N PRO A 15 10.04 12.37 24.92
CA PRO A 15 9.92 12.00 26.33
C PRO A 15 8.54 12.32 26.91
N THR A 16 7.88 13.37 26.41
CA THR A 16 6.52 13.66 26.84
C THR A 16 5.68 12.40 26.80
N CYS A 17 5.68 11.73 25.66
CA CYS A 17 5.12 10.40 25.51
C CYS A 17 6.23 9.38 25.72
N GLY A 18 5.96 8.12 25.36
CA GLY A 18 6.98 7.10 25.30
C GLY A 18 7.10 6.54 23.89
N ILE A 19 7.11 7.41 22.88
CA ILE A 19 6.98 7.00 21.49
C ILE A 19 8.29 7.29 20.77
N SER A 20 8.61 6.41 19.82
CA SER A 20 9.69 6.63 18.85
C SER A 20 9.07 6.81 17.48
N PHE A 21 9.34 7.95 16.85
CA PHE A 21 8.93 8.22 15.49
C PHE A 21 10.14 8.03 14.58
N SER A 22 10.02 7.13 13.61
CA SER A 22 11.11 6.87 12.68
C SER A 22 10.62 7.07 11.25
N ALA A 23 11.35 7.89 10.51
CA ALA A 23 11.22 7.95 9.06
C ALA A 23 12.14 6.90 8.47
N ILE A 24 11.58 5.98 7.68
CA ILE A 24 12.32 4.85 7.16
C ILE A 24 12.06 4.75 5.66
N TRP A 25 13.01 4.11 4.97
CA TRP A 25 12.92 3.83 3.55
C TRP A 25 12.86 2.32 3.36
N GLY A 26 11.81 1.85 2.72
CA GLY A 26 11.78 0.50 2.20
C GLY A 26 11.79 0.57 0.70
N ASN A 27 10.64 0.35 0.08
CA ASN A 27 10.44 0.74 -1.31
C ASN A 27 9.96 2.18 -1.43
N MET A 28 9.62 2.82 -0.30
CA MET A 28 9.22 4.22 -0.28
C MET A 28 9.42 4.72 1.15
N LYS A 29 9.26 6.03 1.31
CA LYS A 29 9.43 6.66 2.62
C LYS A 29 8.16 6.50 3.44
N MET A 30 8.35 6.15 4.72
CA MET A 30 7.26 5.93 5.65
C MET A 30 7.62 6.55 6.99
N ILE A 31 6.59 6.95 7.74
CA ILE A 31 6.74 7.34 9.14
C ILE A 31 6.07 6.25 9.98
N ILE A 32 6.80 5.78 10.99
CA ILE A 32 6.30 4.77 11.92
C ILE A 32 6.34 5.35 13.32
N TRP A 33 5.21 5.30 14.00
CA TRP A 33 5.11 5.60 15.42
C TRP A 33 5.09 4.26 16.13
N TYR A 34 6.14 3.97 16.90
CA TYR A 34 6.28 2.68 17.56
C TYR A 34 6.73 2.90 18.99
N GLN A 35 6.82 1.80 19.74
CA GLN A 35 7.21 1.86 21.13
C GLN A 35 8.70 2.18 21.26
N SER A 36 9.01 3.07 22.22
CA SER A 36 10.38 3.54 22.37
C SER A 36 11.33 2.43 22.76
N THR A 37 10.82 1.29 23.23
CA THR A 37 11.68 0.22 23.73
C THR A 37 12.73 -0.15 22.69
N ILE A 38 12.30 -0.32 21.44
CA ILE A 38 13.24 -0.57 20.36
C ILE A 38 13.84 0.75 19.91
N PHE A 39 15.17 0.80 19.85
CA PHE A 39 15.90 1.99 19.46
C PHE A 39 16.54 1.75 18.10
N LEU A 40 16.16 2.56 17.11
CA LEU A 40 16.61 2.43 15.73
C LEU A 40 17.35 3.69 15.33
N PRO A 41 18.66 3.75 15.51
CA PRO A 41 19.40 4.98 15.14
C PRO A 41 19.39 5.19 13.65
N PRO A 42 19.59 6.43 13.19
CA PRO A 42 19.63 6.68 11.75
C PRO A 42 20.71 5.83 11.07
N GLY A 43 20.36 5.31 9.89
CA GLY A 43 21.25 4.47 9.13
C GLY A 43 21.09 2.98 9.38
N SER A 44 20.30 2.60 10.38
CA SER A 44 20.09 1.19 10.69
C SER A 44 19.34 0.51 9.55
N ILE A 45 19.84 -0.66 9.13
CA ILE A 45 19.21 -1.46 8.08
C ILE A 45 18.58 -2.66 8.76
N PHE A 46 17.33 -2.98 8.39
CA PHE A 46 16.60 -4.05 9.04
C PHE A 46 15.59 -4.66 8.09
N THR A 47 15.14 -5.86 8.45
CA THR A 47 14.16 -6.62 7.68
C THR A 47 12.83 -6.64 8.42
N PRO A 48 11.74 -6.12 7.86
CA PRO A 48 10.45 -6.21 8.55
C PRO A 48 9.89 -7.62 8.53
N VAL A 49 9.06 -7.91 9.55
CA VAL A 49 8.40 -9.20 9.72
C VAL A 49 7.10 -8.92 10.47
N LYS A 50 6.20 -9.90 10.47
CA LYS A 50 4.91 -9.71 11.13
C LYS A 50 5.12 -9.32 12.59
N SER A 51 4.79 -8.07 12.92
CA SER A 51 4.94 -7.54 14.27
C SER A 51 6.35 -7.76 14.81
N GLY A 52 7.35 -7.59 13.94
CA GLY A 52 8.73 -7.79 14.35
C GLY A 52 9.71 -7.25 13.35
N ILE A 53 10.98 -7.19 13.77
CA ILE A 53 12.05 -6.63 12.96
C ILE A 53 13.32 -7.44 13.17
N ILE A 54 13.88 -7.96 12.09
CA ILE A 54 15.19 -8.62 12.15
C ILE A 54 16.24 -7.56 11.92
N LEU A 55 17.01 -7.26 12.96
CA LEU A 55 18.14 -6.35 12.89
C LEU A 55 19.36 -7.07 13.44
N LYS A 56 20.45 -7.04 12.67
CA LYS A 56 21.68 -7.74 13.06
C LYS A 56 21.38 -9.19 13.41
N ASP A 57 20.51 -9.82 12.62
CA ASP A 57 20.15 -11.22 12.73
C ASP A 57 19.41 -11.55 14.02
N LYS A 58 18.86 -10.54 14.71
CA LYS A 58 18.05 -10.74 15.91
C LYS A 58 16.65 -10.22 15.65
N GLU A 59 15.63 -11.01 16.00
CA GLU A 59 14.23 -10.64 15.77
C GLU A 59 13.70 -9.92 17.01
N TYR A 60 13.54 -8.62 16.91
CA TYR A 60 12.97 -7.81 17.97
C TYR A 60 11.47 -7.72 17.80
N PRO A 61 10.67 -7.88 18.85
CA PRO A 61 9.23 -7.63 18.74
C PRO A 61 8.95 -6.13 18.79
N ILE A 62 8.48 -5.60 17.68
CA ILE A 62 8.22 -4.16 17.56
C ILE A 62 6.72 -3.93 17.75
N THR A 63 6.39 -3.08 18.71
CA THR A 63 5.01 -2.65 18.91
C THR A 63 4.78 -1.39 18.08
N ILE A 64 3.90 -1.48 17.09
CA ILE A 64 3.64 -0.39 16.16
C ILE A 64 2.35 0.31 16.58
N TYR A 65 2.41 1.63 16.68
CA TYR A 65 1.22 2.44 16.94
C TYR A 65 0.60 2.94 15.64
N HIS A 66 1.42 3.51 14.76
CA HIS A 66 0.91 4.11 13.52
C HIS A 66 1.90 3.89 12.38
N ILE A 67 1.36 3.67 11.19
CA ILE A 67 2.14 3.59 9.96
C ILE A 67 1.51 4.55 8.96
N ALA A 68 2.31 5.45 8.42
CA ALA A 68 1.78 6.48 7.54
C ALA A 68 2.80 6.79 6.47
N PRO A 69 2.39 7.40 5.36
CA PRO A 69 3.37 7.90 4.40
C PRO A 69 4.16 9.04 5.02
N PHE A 70 5.38 9.21 4.54
CA PHE A 70 6.25 10.25 5.08
C PHE A 70 5.70 11.63 4.74
N ASN A 71 5.83 12.56 5.68
CA ASN A 71 5.45 13.95 5.49
C ASN A 71 6.60 14.83 5.96
N LYS A 72 7.06 15.70 5.08
CA LYS A 72 8.19 16.56 5.41
C LYS A 72 7.82 17.50 6.55
N ASP A 73 6.62 18.07 6.50
CA ASP A 73 6.18 19.01 7.53
C ASP A 73 6.04 18.33 8.88
N LEU A 74 5.36 17.18 8.93
CA LEU A 74 5.16 16.49 10.20
C LEU A 74 6.50 16.03 10.79
N TRP A 75 7.40 15.53 9.94
CA TRP A 75 8.69 15.08 10.44
C TRP A 75 9.52 16.24 10.97
N SER A 76 9.51 17.38 10.26
CA SER A 76 10.22 18.55 10.76
C SER A 76 9.63 19.02 12.08
N LEU A 77 8.31 18.94 12.22
CA LEU A 77 7.67 19.28 13.49
C LEU A 77 8.14 18.35 14.61
N LEU A 78 8.21 17.06 14.33
CA LEU A 78 8.71 16.11 15.34
C LEU A 78 10.15 16.43 15.72
N LYS A 79 10.99 16.72 14.73
CA LYS A 79 12.40 17.00 14.99
C LYS A 79 12.61 18.27 15.79
N SER A 80 11.62 19.16 15.85
CA SER A 80 11.74 20.42 16.56
C SER A 80 11.26 20.32 18.01
N SER A 81 11.29 19.13 18.59
CA SER A 81 10.85 18.94 19.98
C SER A 81 11.83 18.06 20.73
N PRO B 2 -15.50 4.90 13.45
CA PRO B 2 -14.31 4.75 14.30
C PRO B 2 -13.54 3.46 14.02
N HIS B 3 -14.25 2.41 13.62
CA HIS B 3 -13.64 1.14 13.25
C HIS B 3 -13.80 0.94 11.75
N MET B 4 -12.69 0.68 11.07
CA MET B 4 -12.71 0.55 9.63
C MET B 4 -13.57 -0.65 9.22
N LYS B 5 -14.19 -0.55 8.05
CA LYS B 5 -15.13 -1.55 7.57
C LYS B 5 -14.79 -1.94 6.13
N TRP B 6 -14.61 -3.24 5.90
CA TRP B 6 -14.28 -3.79 4.60
C TRP B 6 -15.34 -4.81 4.18
N ILE B 7 -15.21 -5.30 2.94
CA ILE B 7 -16.20 -6.17 2.31
C ILE B 7 -15.50 -7.37 1.69
N VAL B 8 -16.14 -8.54 1.75
CA VAL B 8 -15.66 -9.74 1.08
C VAL B 8 -16.40 -9.86 -0.25
N ILE B 9 -15.72 -9.53 -1.34
CA ILE B 9 -16.35 -9.65 -2.66
C ILE B 9 -16.71 -11.10 -2.95
N ASP B 10 -15.75 -12.01 -2.77
CA ASP B 10 -15.99 -13.43 -2.96
C ASP B 10 -14.79 -14.18 -2.38
N THR B 11 -14.91 -15.50 -2.34
CA THR B 11 -13.87 -16.32 -1.74
C THR B 11 -13.81 -17.66 -2.46
N VAL B 12 -12.60 -18.14 -2.68
CA VAL B 12 -12.35 -19.42 -3.31
C VAL B 12 -11.54 -20.27 -2.33
N ILE B 13 -12.07 -21.43 -1.99
CA ILE B 13 -11.42 -22.36 -1.07
C ILE B 13 -10.73 -23.41 -1.95
N GLN B 14 -9.45 -23.21 -2.21
CA GLN B 14 -8.68 -24.17 -2.98
C GLN B 14 -8.40 -25.39 -2.13
N PRO B 15 -8.89 -26.58 -2.49
CA PRO B 15 -8.63 -27.76 -1.65
C PRO B 15 -7.24 -28.33 -1.87
N THR B 16 -6.75 -28.28 -3.12
CA THR B 16 -5.43 -28.81 -3.42
C THR B 16 -4.34 -28.12 -2.60
N CYS B 17 -4.57 -26.86 -2.23
CA CYS B 17 -3.61 -26.11 -1.44
C CYS B 17 -4.01 -25.98 0.03
N GLY B 18 -5.30 -26.10 0.35
CA GLY B 18 -5.80 -25.63 1.61
C GLY B 18 -5.84 -24.13 1.75
N ILE B 19 -5.28 -23.40 0.78
CA ILE B 19 -5.31 -21.95 0.80
C ILE B 19 -6.68 -21.47 0.38
N SER B 20 -7.16 -20.44 1.07
CA SER B 20 -8.38 -19.73 0.73
C SER B 20 -8.00 -18.38 0.16
N PHE B 21 -8.55 -18.07 -1.02
CA PHE B 21 -8.29 -16.82 -1.71
C PHE B 21 -9.55 -15.97 -1.64
N SER B 22 -9.44 -14.80 -1.02
CA SER B 22 -10.57 -13.88 -0.90
C SER B 22 -10.23 -12.56 -1.59
N ALA B 23 -11.10 -12.14 -2.50
CA ALA B 23 -11.09 -10.79 -3.04
C ALA B 23 -11.90 -9.89 -2.12
N ILE B 24 -11.35 -8.71 -1.83
CA ILE B 24 -11.86 -7.88 -0.75
C ILE B 24 -11.83 -6.42 -1.17
N TRP B 25 -12.89 -5.69 -0.81
CA TRP B 25 -12.95 -4.25 -1.02
C TRP B 25 -12.81 -3.56 0.33
N GLY B 26 -11.68 -2.90 0.55
CA GLY B 26 -11.56 -1.97 1.65
C GLY B 26 -11.83 -0.57 1.16
N ASN B 27 -10.82 0.29 1.22
CA ASN B 27 -10.82 1.50 0.41
C ASN B 27 -10.42 1.20 -1.03
N MET B 28 -10.00 -0.02 -1.31
CA MET B 28 -9.50 -0.43 -2.63
C MET B 28 -9.90 -1.88 -2.87
N LYS B 29 -9.33 -2.49 -3.90
CA LYS B 29 -9.62 -3.86 -4.30
C LYS B 29 -8.36 -4.71 -4.15
N MET B 30 -8.47 -5.80 -3.39
CA MET B 30 -7.30 -6.59 -3.00
C MET B 30 -7.62 -8.08 -3.05
N ILE B 31 -6.56 -8.90 -2.99
CA ILE B 31 -6.68 -10.35 -2.86
C ILE B 31 -5.80 -10.79 -1.70
N ILE B 32 -6.32 -11.69 -0.86
CA ILE B 32 -5.56 -12.25 0.24
C ILE B 32 -5.61 -13.78 0.17
N TRP B 33 -4.45 -14.39 0.40
CA TRP B 33 -4.29 -15.83 0.50
C TRP B 33 -4.09 -16.16 1.98
N TYR B 34 -4.96 -16.99 2.54
CA TYR B 34 -4.99 -17.28 3.96
C TYR B 34 -5.68 -18.62 4.18
N GLN B 35 -5.40 -19.26 5.31
CA GLN B 35 -6.18 -20.39 5.78
C GLN B 35 -6.98 -19.96 7.02
N SER B 36 -8.20 -20.46 7.15
CA SER B 36 -9.09 -20.01 8.22
C SER B 36 -10.12 -21.08 8.52
N THR B 37 -10.95 -20.81 9.53
CA THR B 37 -12.04 -21.68 9.95
C THR B 37 -13.41 -21.15 9.53
N ILE B 38 -13.75 -19.93 9.93
CA ILE B 38 -14.93 -19.28 9.35
C ILE B 38 -14.62 -18.92 7.91
N PHE B 39 -15.64 -18.98 7.05
CA PHE B 39 -15.41 -18.96 5.61
C PHE B 39 -15.18 -17.56 5.03
N LEU B 40 -15.51 -16.50 5.77
CA LEU B 40 -15.49 -15.15 5.20
C LEU B 40 -16.44 -15.11 4.00
N PRO B 41 -17.73 -15.17 4.24
CA PRO B 41 -18.70 -15.31 3.14
C PRO B 41 -18.72 -14.07 2.25
N PRO B 42 -19.17 -14.21 1.00
CA PRO B 42 -19.27 -13.04 0.13
C PRO B 42 -20.27 -12.03 0.69
N GLY B 43 -19.95 -10.75 0.52
CA GLY B 43 -20.82 -9.67 0.93
C GLY B 43 -20.72 -9.26 2.38
N SER B 44 -20.04 -10.04 3.21
CA SER B 44 -19.97 -9.78 4.64
C SER B 44 -19.02 -8.62 4.95
N ILE B 45 -19.27 -7.96 6.07
CA ILE B 45 -18.48 -6.82 6.53
C ILE B 45 -17.65 -7.27 7.72
N PHE B 46 -16.37 -6.90 7.71
CA PHE B 46 -15.47 -7.23 8.81
C PHE B 46 -14.58 -6.03 9.09
N THR B 47 -14.00 -6.02 10.28
CA THR B 47 -13.01 -5.01 10.66
C THR B 47 -11.64 -5.66 10.74
N PRO B 48 -10.69 -5.29 9.89
CA PRO B 48 -9.34 -5.86 10.02
C PRO B 48 -8.67 -5.42 11.31
N VAL B 49 -7.83 -6.29 11.84
CA VAL B 49 -7.09 -6.04 13.07
C VAL B 49 -5.74 -6.75 12.97
N LYS B 50 -4.84 -6.42 13.90
CA LYS B 50 -3.47 -6.90 13.78
C LYS B 50 -3.42 -8.42 13.70
N SER B 51 -4.06 -9.10 14.66
CA SER B 51 -4.02 -10.56 14.66
C SER B 51 -4.87 -11.13 13.53
N GLY B 52 -6.15 -10.81 13.52
CA GLY B 52 -7.07 -11.35 12.54
C GLY B 52 -8.11 -10.35 12.06
N ILE B 53 -9.39 -10.74 12.13
CA ILE B 53 -10.49 -9.87 11.77
C ILE B 53 -11.49 -9.86 12.91
N ILE B 54 -12.44 -8.94 12.82
CA ILE B 54 -13.57 -8.88 13.74
C ILE B 54 -14.83 -8.89 12.90
N LEU B 55 -15.57 -10.00 12.97
CA LEU B 55 -16.83 -10.16 12.25
C LEU B 55 -17.88 -10.63 13.22
N LYS B 56 -19.10 -10.10 13.09
CA LYS B 56 -20.20 -10.41 14.01
C LYS B 56 -19.82 -10.05 15.44
N ASP B 57 -18.95 -9.05 15.61
CA ASP B 57 -18.41 -8.60 16.89
C ASP B 57 -17.51 -9.65 17.54
N LYS B 58 -17.24 -10.77 16.88
CA LYS B 58 -16.33 -11.79 17.36
C LYS B 58 -15.02 -11.67 16.61
N GLU B 59 -13.91 -11.72 17.34
CA GLU B 59 -12.59 -11.66 16.73
C GLU B 59 -12.14 -13.07 16.36
N TYR B 60 -11.80 -13.26 15.09
CA TYR B 60 -11.33 -14.53 14.57
C TYR B 60 -9.90 -14.38 14.11
N PRO B 61 -9.00 -15.31 14.45
CA PRO B 61 -7.61 -15.19 14.01
C PRO B 61 -7.47 -15.47 12.53
N ILE B 62 -6.44 -14.89 11.92
CA ILE B 62 -6.16 -15.08 10.51
C ILE B 62 -4.67 -15.29 10.33
N THR B 63 -4.31 -16.21 9.43
CA THR B 63 -2.93 -16.49 9.06
C THR B 63 -2.75 -16.09 7.60
N ILE B 64 -2.36 -14.83 7.38
CA ILE B 64 -2.21 -14.31 6.02
C ILE B 64 -0.97 -14.93 5.38
N TYR B 65 -1.18 -15.76 4.36
CA TYR B 65 -0.06 -16.20 3.54
C TYR B 65 0.44 -15.06 2.65
N HIS B 66 -0.49 -14.36 2.00
CA HIS B 66 -0.12 -13.32 1.06
C HIS B 66 -1.22 -12.27 0.98
N ILE B 67 -0.83 -11.03 0.66
CA ILE B 67 -1.76 -9.97 0.31
C ILE B 67 -1.20 -9.27 -0.92
N ALA B 68 -2.03 -9.14 -1.96
CA ALA B 68 -1.61 -8.58 -3.22
C ALA B 68 -2.72 -7.70 -3.76
N PRO B 69 -2.41 -6.78 -4.67
CA PRO B 69 -3.47 -6.03 -5.34
C PRO B 69 -4.30 -6.95 -6.23
N PHE B 70 -5.57 -6.58 -6.40
CA PHE B 70 -6.51 -7.43 -7.11
C PHE B 70 -6.16 -7.52 -8.59
N ASN B 71 -6.33 -8.71 -9.16
CA ASN B 71 -6.09 -8.96 -10.57
C ASN B 71 -7.27 -9.75 -11.13
N LYS B 72 -7.91 -9.22 -12.17
CA LYS B 72 -9.06 -9.90 -12.74
C LYS B 72 -8.67 -11.24 -13.37
N ASP B 73 -7.54 -11.28 -14.07
CA ASP B 73 -7.08 -12.54 -14.65
C ASP B 73 -6.75 -13.55 -13.55
N LEU B 74 -5.98 -13.14 -12.55
CA LEU B 74 -5.63 -14.05 -11.46
C LEU B 74 -6.88 -14.54 -10.74
N TRP B 75 -7.81 -13.63 -10.45
CA TRP B 75 -9.02 -14.03 -9.74
C TRP B 75 -9.87 -14.96 -10.58
N SER B 76 -10.01 -14.69 -11.88
CA SER B 76 -10.77 -15.58 -12.74
C SER B 76 -10.14 -16.97 -12.77
N LEU B 77 -8.81 -17.02 -12.83
CA LEU B 77 -8.13 -18.31 -12.81
C LEU B 77 -8.40 -19.05 -11.50
N LEU B 78 -8.29 -18.35 -10.37
CA LEU B 78 -8.54 -18.98 -9.09
C LEU B 78 -9.97 -19.49 -9.00
N LYS B 79 -10.93 -18.69 -9.49
CA LYS B 79 -12.32 -19.10 -9.46
C LYS B 79 -12.54 -20.35 -10.30
N SER B 80 -11.95 -20.38 -11.50
CA SER B 80 -12.16 -21.52 -12.40
C SER B 80 -11.62 -22.82 -11.82
N SER B 81 -10.45 -22.76 -11.20
CA SER B 81 -9.80 -23.95 -10.65
C SER B 81 -10.74 -24.72 -9.71
N THR C 2 6.11 12.87 -27.43
CA THR C 2 5.12 13.60 -26.64
C THR C 2 5.69 14.91 -26.11
N GLN C 3 4.87 15.67 -25.38
CA GLN C 3 5.29 16.99 -24.89
C GLN C 3 5.01 17.18 -23.40
N PRO C 4 5.31 16.21 -22.54
CA PRO C 4 5.08 16.42 -21.10
C PRO C 4 6.12 17.31 -20.45
N LEU C 5 7.39 17.07 -20.76
CA LEU C 5 8.51 17.75 -20.11
C LEU C 5 9.01 18.95 -20.91
N VAL C 6 8.10 19.61 -21.64
CA VAL C 6 8.48 20.79 -22.41
C VAL C 6 9.10 21.82 -21.47
N GLY C 7 10.26 22.34 -21.86
CA GLY C 7 10.93 23.34 -21.06
C GLY C 7 11.30 22.85 -19.67
N LYS C 8 11.74 21.60 -19.57
CA LYS C 8 12.16 21.00 -18.31
C LYS C 8 13.66 20.74 -18.38
N GLN C 9 14.45 21.64 -17.79
CA GLN C 9 15.89 21.44 -17.71
C GLN C 9 16.20 20.33 -16.73
N ILE C 10 16.82 19.25 -17.21
CA ILE C 10 17.09 18.07 -16.41
C ILE C 10 18.55 17.69 -16.55
N LEU C 11 19.23 17.52 -15.43
CA LEU C 11 20.64 17.17 -15.39
C LEU C 11 20.80 15.71 -15.01
N ILE C 12 21.63 15.00 -15.77
CA ILE C 12 21.90 13.59 -15.54
C ILE C 12 23.40 13.45 -15.30
N VAL C 13 23.78 13.06 -14.09
CA VAL C 13 25.19 12.83 -13.73
C VAL C 13 25.39 11.33 -13.56
N GLU C 14 25.79 10.67 -14.63
CA GLU C 14 26.00 9.23 -14.66
C GLU C 14 27.37 8.96 -15.27
N ASP C 15 27.99 7.87 -14.85
CA ASP C 15 29.37 7.59 -15.25
C ASP C 15 29.49 6.47 -16.28
N GLU C 16 28.55 5.54 -16.33
CA GLU C 16 28.54 4.50 -17.35
C GLU C 16 27.83 5.05 -18.60
N GLN C 17 28.50 4.95 -19.74
CA GLN C 17 28.03 5.63 -20.94
C GLN C 17 26.70 5.08 -21.44
N VAL C 18 26.52 3.76 -21.38
CA VAL C 18 25.27 3.16 -21.86
C VAL C 18 24.10 3.69 -21.04
N PHE C 19 24.25 3.73 -19.71
CA PHE C 19 23.17 4.24 -18.86
C PHE C 19 22.94 5.73 -19.13
N ARG C 20 24.01 6.49 -19.37
CA ARG C 20 23.84 7.89 -19.76
C ARG C 20 22.93 8.00 -20.98
N SER C 21 23.23 7.22 -22.03
CA SER C 21 22.43 7.30 -23.25
C SER C 21 21.00 6.88 -23.00
N LEU C 22 20.80 5.82 -22.21
CA LEU C 22 19.44 5.36 -21.92
C LEU C 22 18.64 6.46 -21.24
N LEU C 23 19.22 7.07 -20.20
CA LEU C 23 18.50 8.13 -19.48
C LEU C 23 18.22 9.31 -20.38
N ASP C 24 19.20 9.73 -21.19
CA ASP C 24 18.98 10.89 -22.05
C ASP C 24 17.89 10.60 -23.07
N SER C 25 17.89 9.40 -23.66
CA SER C 25 16.86 9.07 -24.64
C SER C 25 15.49 9.03 -23.99
N TRP C 26 15.40 8.49 -22.76
CA TRP C 26 14.11 8.46 -22.08
C TRP C 26 13.61 9.87 -21.78
N PHE C 27 14.49 10.76 -21.33
CA PHE C 27 14.07 12.12 -21.00
C PHE C 27 13.73 12.93 -22.25
N SER C 28 14.49 12.74 -23.33
CA SER C 28 14.21 13.47 -24.57
C SER C 28 12.97 12.93 -25.26
N SER C 29 12.69 11.63 -25.13
CA SER C 29 11.43 11.10 -25.63
C SER C 29 10.25 11.80 -24.99
N LEU C 30 10.38 12.20 -23.73
CA LEU C 30 9.36 12.98 -23.03
C LEU C 30 9.56 14.48 -23.19
N GLY C 31 10.49 14.90 -24.04
CA GLY C 31 10.64 16.30 -24.40
C GLY C 31 11.54 17.13 -23.50
N ALA C 32 12.25 16.51 -22.56
CA ALA C 32 13.05 17.27 -21.60
C ALA C 32 14.32 17.80 -22.23
N THR C 33 14.72 19.00 -21.82
CA THR C 33 16.00 19.59 -22.21
C THR C 33 17.05 19.05 -21.25
N THR C 34 17.85 18.09 -21.72
CA THR C 34 18.74 17.33 -20.87
C THR C 34 20.18 17.79 -21.02
N VAL C 35 20.88 17.86 -19.88
CA VAL C 35 22.32 18.09 -19.83
C VAL C 35 22.94 16.90 -19.13
N LEU C 36 23.94 16.29 -19.78
CA LEU C 36 24.57 15.08 -19.26
C LEU C 36 26.01 15.35 -18.87
N ALA C 37 26.40 14.79 -17.74
CA ALA C 37 27.78 14.84 -17.26
C ALA C 37 28.26 13.42 -17.01
N ALA C 38 29.56 13.20 -17.20
CA ALA C 38 30.19 11.90 -16.97
C ALA C 38 31.13 11.90 -15.78
N ASP C 39 31.21 13.00 -15.04
CA ASP C 39 32.20 13.16 -13.98
C ASP C 39 31.61 14.01 -12.87
N GLY C 40 32.05 13.74 -11.63
CA GLY C 40 31.57 14.49 -10.49
C GLY C 40 31.99 15.95 -10.49
N VAL C 41 33.27 16.21 -10.83
CA VAL C 41 33.72 17.59 -10.92
C VAL C 41 32.99 18.32 -12.03
N ASP C 42 32.83 17.66 -13.18
CA ASP C 42 32.03 18.22 -14.26
C ASP C 42 30.62 18.49 -13.79
N ALA C 43 30.11 17.63 -12.90
CA ALA C 43 28.79 17.87 -12.31
C ALA C 43 28.78 19.15 -11.49
N LEU C 44 29.80 19.33 -10.64
CA LEU C 44 29.88 20.54 -9.82
C LEU C 44 29.94 21.79 -10.69
N GLU C 45 30.71 21.73 -11.78
CA GLU C 45 30.81 22.87 -12.69
C GLU C 45 29.47 23.16 -13.35
N LEU C 46 28.86 22.14 -13.95
CA LEU C 46 27.55 22.31 -14.58
C LEU C 46 26.58 22.94 -13.60
N LEU C 47 26.64 22.54 -12.33
CA LEU C 47 25.75 23.10 -11.33
C LEU C 47 26.02 24.57 -11.10
N GLY C 48 27.29 24.93 -10.90
CA GLY C 48 27.64 26.33 -10.80
C GLY C 48 27.16 27.13 -12.00
N GLY C 49 27.07 26.47 -13.15
CA GLY C 49 26.66 27.14 -14.38
C GLY C 49 25.17 27.38 -14.51
N PHE C 50 24.38 26.31 -14.57
CA PHE C 50 22.95 26.42 -14.82
C PHE C 50 22.16 25.65 -13.77
N THR C 51 20.89 26.00 -13.64
CA THR C 51 20.02 25.42 -12.62
C THR C 51 19.02 24.47 -13.27
N PRO C 52 19.17 23.16 -13.11
CA PRO C 52 18.20 22.23 -13.68
C PRO C 52 16.95 22.14 -12.81
N ASP C 53 15.81 21.95 -13.47
CA ASP C 53 14.57 21.78 -12.73
C ASP C 53 14.60 20.50 -11.89
N LEU C 54 15.25 19.46 -12.40
CA LEU C 54 15.41 18.20 -11.69
C LEU C 54 16.79 17.65 -12.01
N MET C 55 17.37 16.88 -11.08
CA MET C 55 18.70 16.32 -11.25
C MET C 55 18.68 14.83 -10.91
N ILE C 56 19.53 14.07 -11.61
CA ILE C 56 19.73 12.66 -11.35
C ILE C 56 21.24 12.43 -11.19
N CYS C 57 21.62 11.75 -10.12
CA CYS C 57 23.02 11.48 -9.81
C CYS C 57 23.20 10.03 -9.41
N ASP C 58 24.30 9.44 -9.84
CA ASP C 58 24.67 8.08 -9.47
C ASP C 58 25.93 8.16 -8.60
N ILE C 59 25.86 7.57 -7.41
CA ILE C 59 26.98 7.56 -6.48
C ILE C 59 27.84 6.34 -6.76
N ALA C 60 27.52 5.62 -7.83
CA ALA C 60 28.25 4.40 -8.20
C ALA C 60 29.38 4.77 -9.15
N MET C 61 30.62 4.54 -8.70
CA MET C 61 31.82 4.84 -9.47
C MET C 61 31.83 6.26 -10.08
N PRO C 62 31.60 7.30 -9.28
CA PRO C 62 31.85 8.65 -9.76
C PRO C 62 33.25 9.11 -9.39
N ARG C 63 33.76 10.08 -10.15
CA ARG C 63 35.04 10.67 -9.78
C ARG C 63 34.93 11.36 -8.42
N MET C 64 33.79 11.99 -8.15
CA MET C 64 33.48 12.53 -6.84
C MET C 64 32.17 11.92 -6.37
N ASN C 65 32.16 11.41 -5.14
CA ASN C 65 30.99 10.70 -4.61
C ASN C 65 29.71 11.49 -4.89
N GLY C 66 28.77 10.83 -5.55
CA GLY C 66 27.47 11.46 -5.76
C GLY C 66 26.83 11.89 -4.46
N LEU C 67 27.04 11.12 -3.38
CA LEU C 67 26.59 11.57 -2.07
C LEU C 67 27.34 12.82 -1.63
N LYS C 68 28.63 12.94 -1.99
CA LYS C 68 29.36 14.16 -1.70
C LYS C 68 28.88 15.32 -2.56
N LEU C 69 28.47 15.04 -3.81
CA LEU C 69 27.82 16.08 -4.61
C LEU C 69 26.53 16.56 -3.97
N LEU C 70 25.74 15.62 -3.43
CA LEU C 70 24.56 15.99 -2.65
C LEU C 70 24.95 16.85 -1.45
N GLU C 71 26.02 16.47 -0.75
CA GLU C 71 26.48 17.26 0.39
C GLU C 71 26.79 18.68 -0.04
N HIS C 72 27.48 18.85 -1.16
CA HIS C 72 27.79 20.19 -1.66
C HIS C 72 26.51 20.97 -1.97
N ILE C 73 25.56 20.32 -2.65
CA ILE C 73 24.33 21.01 -3.01
C ILE C 73 23.61 21.50 -1.76
N ARG C 74 23.51 20.64 -0.74
CA ARG C 74 22.80 21.04 0.47
C ARG C 74 23.57 22.12 1.22
N ASN C 75 24.91 22.03 1.22
CA ASN C 75 25.72 23.08 1.84
C ASN C 75 25.47 24.42 1.16
N ARG C 76 25.22 24.42 -0.14
CA ARG C 76 24.85 25.65 -0.83
C ARG C 76 23.41 26.05 -0.58
N GLY C 77 22.58 25.13 -0.10
CA GLY C 77 21.18 25.44 0.17
C GLY C 77 20.31 25.54 -1.06
N ASP C 78 20.83 25.18 -2.23
CA ASP C 78 20.00 25.18 -3.44
C ASP C 78 18.76 24.33 -3.24
N GLN C 79 18.90 23.21 -2.54
CA GLN C 79 17.77 22.32 -2.24
C GLN C 79 17.04 21.90 -3.51
N THR C 80 17.80 21.76 -4.59
CA THR C 80 17.24 21.27 -5.85
C THR C 80 16.94 19.78 -5.73
N PRO C 81 15.90 19.28 -6.43
CA PRO C 81 15.62 17.85 -6.39
C PRO C 81 16.81 17.03 -6.88
N VAL C 82 17.03 15.89 -6.22
CA VAL C 82 18.09 14.97 -6.61
C VAL C 82 17.58 13.55 -6.45
N LEU C 83 17.27 12.90 -7.56
CA LEU C 83 16.88 11.49 -7.58
C LEU C 83 18.15 10.67 -7.77
N VAL C 84 18.40 9.73 -6.84
CA VAL C 84 19.66 8.99 -6.83
C VAL C 84 19.47 7.59 -7.40
N ILE C 85 20.56 7.06 -7.93
CA ILE C 85 20.61 5.73 -8.52
C ILE C 85 21.69 4.93 -7.80
N SER C 86 21.31 3.74 -7.32
CA SER C 86 22.25 2.85 -6.65
C SER C 86 21.78 1.42 -6.86
N ALA C 87 22.26 0.49 -6.05
CA ALA C 87 21.82 -0.90 -6.13
C ALA C 87 21.53 -1.39 -4.72
N THR C 88 21.23 -2.68 -4.59
CA THR C 88 20.98 -3.28 -3.28
C THR C 88 22.21 -3.17 -2.38
N GLU C 89 23.38 -2.90 -2.95
CA GLU C 89 24.58 -2.61 -2.19
C GLU C 89 24.54 -1.17 -1.67
N ASN C 90 25.55 -0.82 -0.87
CA ASN C 90 25.73 0.53 -0.33
C ASN C 90 24.44 1.03 0.30
N MET C 91 23.77 0.13 1.01
CA MET C 91 22.56 0.51 1.76
C MET C 91 22.81 1.73 2.62
N ALA C 92 23.99 1.81 3.24
CA ALA C 92 24.34 2.97 4.05
C ALA C 92 24.41 4.23 3.20
N ASP C 93 24.94 4.14 1.98
CA ASP C 93 24.97 5.30 1.09
C ASP C 93 23.57 5.75 0.74
N ILE C 94 22.64 4.81 0.52
CA ILE C 94 21.25 5.17 0.27
C ILE C 94 20.68 5.90 1.48
N ALA C 95 21.00 5.41 2.68
CA ALA C 95 20.58 6.11 3.90
C ALA C 95 21.10 7.55 3.91
N LYS C 96 22.40 7.72 3.67
CA LYS C 96 23.00 9.04 3.72
C LYS C 96 22.35 9.96 2.70
N ALA C 97 22.08 9.44 1.50
CA ALA C 97 21.36 10.21 0.50
C ALA C 97 19.98 10.61 1.00
N LEU C 98 19.27 9.67 1.63
CA LEU C 98 17.92 9.96 2.12
C LEU C 98 17.96 11.02 3.23
N ARG C 99 18.99 11.01 4.06
CA ARG C 99 19.15 12.06 5.05
C ARG C 99 19.35 13.41 4.36
N LEU C 100 20.10 13.41 3.27
CA LEU C 100 20.13 14.56 2.37
C LEU C 100 18.76 14.73 1.71
N GLY C 101 18.56 15.89 1.09
CA GLY C 101 17.26 16.22 0.53
C GLY C 101 16.92 15.54 -0.78
N VAL C 102 17.08 14.22 -0.85
CA VAL C 102 16.80 13.47 -2.06
C VAL C 102 15.31 13.16 -2.15
N GLU C 103 14.87 12.68 -3.31
CA GLU C 103 13.45 12.50 -3.60
C GLU C 103 13.03 11.04 -3.64
N ASP C 104 13.80 10.19 -4.29
CA ASP C 104 13.53 8.75 -4.34
C ASP C 104 14.82 8.06 -4.74
N VAL C 105 14.74 6.75 -5.02
CA VAL C 105 15.92 5.96 -5.33
C VAL C 105 15.56 4.93 -6.39
N LEU C 106 16.55 4.56 -7.22
CA LEU C 106 16.31 3.50 -8.20
C LEU C 106 17.47 2.52 -8.28
N LEU C 107 17.12 1.23 -8.44
CA LEU C 107 18.11 0.17 -8.61
C LEU C 107 18.84 0.32 -9.94
N LYS C 108 20.12 -0.05 -9.94
CA LYS C 108 20.95 0.18 -11.13
C LYS C 108 20.37 -0.43 -12.39
N PRO C 109 19.83 -1.66 -12.40
CA PRO C 109 19.15 -2.14 -13.60
C PRO C 109 17.98 -1.24 -13.95
N VAL C 110 17.77 -1.04 -15.25
CA VAL C 110 16.62 -0.24 -15.69
C VAL C 110 15.59 -1.21 -16.27
N LYS C 111 14.70 -1.70 -15.41
CA LYS C 111 13.61 -2.57 -15.81
C LYS C 111 12.25 -1.89 -15.71
N ASP C 112 11.95 -1.29 -14.55
CA ASP C 112 10.66 -0.65 -14.33
C ASP C 112 10.76 0.82 -14.75
N LEU C 113 10.58 1.04 -16.05
CA LEU C 113 10.57 2.41 -16.57
C LEU C 113 9.30 3.16 -16.16
N ASN C 114 8.17 2.44 -16.01
CA ASN C 114 6.93 3.11 -15.65
C ASN C 114 7.02 3.73 -14.25
N ARG C 115 7.66 3.02 -13.31
CA ARG C 115 7.89 3.61 -12.00
C ARG C 115 8.84 4.80 -12.09
N LEU C 116 9.78 4.76 -13.02
CA LEU C 116 10.61 5.94 -13.27
C LEU C 116 9.78 7.12 -13.73
N ARG C 117 8.86 6.88 -14.67
CA ARG C 117 7.96 7.96 -15.10
C ARG C 117 7.16 8.49 -13.93
N GLU C 118 6.64 7.58 -13.10
CA GLU C 118 5.87 7.97 -11.92
C GLU C 118 6.69 8.90 -11.02
N MET C 119 7.91 8.49 -10.69
CA MET C 119 8.74 9.29 -9.78
C MET C 119 9.13 10.62 -10.40
N VAL C 120 9.51 10.62 -11.68
CA VAL C 120 9.93 11.85 -12.34
C VAL C 120 8.78 12.85 -12.38
N PHE C 121 7.60 12.39 -12.77
CA PHE C 121 6.44 13.27 -12.81
C PHE C 121 6.05 13.76 -11.43
N ALA C 122 6.09 12.87 -10.43
CA ALA C 122 5.77 13.27 -9.06
C ALA C 122 6.71 14.36 -8.58
N CYS C 123 7.99 14.27 -8.97
CA CYS C 123 8.95 15.28 -8.56
C CYS C 123 8.77 16.59 -9.32
N LEU C 124 8.50 16.50 -10.64
CA LEU C 124 8.45 17.70 -11.47
C LEU C 124 7.17 18.50 -11.27
N TYR C 125 6.04 17.85 -11.01
CA TYR C 125 4.77 18.51 -10.76
C TYR C 125 4.17 17.92 -9.48
N PRO C 126 4.80 18.15 -8.33
CA PRO C 126 4.29 17.52 -7.10
C PRO C 126 2.84 17.87 -6.81
N SER C 127 2.42 19.10 -7.09
CA SER C 127 1.02 19.47 -6.88
C SER C 127 0.10 18.68 -7.79
N MET C 128 0.41 18.63 -9.09
CA MET C 128 -0.40 17.85 -10.02
C MET C 128 -0.47 16.39 -9.57
N PHE C 129 0.68 15.80 -9.24
CA PHE C 129 0.79 14.38 -8.95
C PHE C 129 0.73 14.08 -7.45
N ASN C 130 0.08 14.95 -6.68
CA ASN C 130 -0.33 14.59 -5.33
C ASN C 130 -1.41 13.52 -5.33
N SER C 131 -1.87 13.10 -6.51
CA SER C 131 -2.64 11.87 -6.62
C SER C 131 -1.89 10.72 -5.98
N ARG C 132 -0.56 10.69 -6.14
CA ARG C 132 0.24 9.67 -5.46
C ARG C 132 0.05 9.76 -3.96
N VAL C 133 0.09 10.98 -3.41
CA VAL C 133 -0.06 11.15 -1.97
C VAL C 133 -1.44 10.70 -1.52
N GLU C 134 -2.47 11.04 -2.30
CA GLU C 134 -3.84 10.62 -1.95
C GLU C 134 -3.96 9.10 -1.94
N GLU C 135 -3.47 8.45 -3.00
CA GLU C 135 -3.51 7.00 -3.07
C GLU C 135 -2.74 6.38 -1.91
N GLU C 136 -1.56 6.92 -1.61
CA GLU C 136 -0.77 6.39 -0.50
C GLU C 136 -1.49 6.59 0.83
N GLU C 137 -2.17 7.72 1.00
CA GLU C 137 -2.95 7.92 2.23
C GLU C 137 -3.98 6.82 2.38
N ARG C 138 -4.70 6.51 1.29
CA ARG C 138 -5.69 5.44 1.36
C ARG C 138 -5.02 4.10 1.68
N LEU C 139 -3.91 3.82 1.01
CA LEU C 139 -3.21 2.55 1.21
C LEU C 139 -2.78 2.40 2.66
N PHE C 140 -2.18 3.45 3.23
CA PHE C 140 -1.67 3.36 4.59
C PHE C 140 -2.81 3.36 5.61
N ARG C 141 -3.94 4.00 5.30
CA ARG C 141 -5.08 3.88 6.19
C ARG C 141 -5.53 2.43 6.29
N ASP C 142 -5.62 1.75 5.15
CA ASP C 142 -5.98 0.32 5.21
C ASP C 142 -4.87 -0.51 5.84
N TRP C 143 -3.61 -0.15 5.56
CA TRP C 143 -2.44 -0.88 6.04
C TRP C 143 -2.36 -0.85 7.57
N ASP C 144 -2.49 0.35 8.14
CA ASP C 144 -2.35 0.54 9.58
C ASP C 144 -3.29 -0.37 10.35
N ALA C 145 -4.43 -0.72 9.75
CA ALA C 145 -5.47 -1.44 10.49
C ALA C 145 -4.95 -2.77 11.03
N MET C 146 -4.12 -3.48 10.27
CA MET C 146 -3.73 -4.84 10.62
C MET C 146 -2.25 -4.98 10.95
N VAL C 147 -1.54 -3.87 11.21
CA VAL C 147 -0.15 -3.93 11.63
C VAL C 147 0.01 -3.26 12.99
N ASP C 148 -0.84 -2.28 13.28
CA ASP C 148 -0.71 -1.54 14.52
C ASP C 148 -1.48 -2.22 15.64
N ASN C 149 -1.11 -1.89 16.87
CA ASN C 149 -1.77 -2.39 18.06
C ASN C 149 -2.54 -1.26 18.72
N PRO C 150 -3.81 -1.05 18.38
CA PRO C 150 -4.56 0.03 19.03
C PRO C 150 -4.66 -0.14 20.53
N ALA C 151 -4.67 -1.38 21.01
CA ALA C 151 -4.75 -1.60 22.45
C ALA C 151 -3.55 -0.99 23.16
N ALA C 152 -2.35 -1.21 22.62
CA ALA C 152 -1.16 -0.67 23.26
C ALA C 152 -1.17 0.86 23.26
N ALA C 153 -1.61 1.47 22.17
CA ALA C 153 -1.69 2.93 22.12
C ALA C 153 -2.72 3.45 23.11
N ALA C 154 -3.86 2.77 23.22
CA ALA C 154 -4.88 3.18 24.17
C ALA C 154 -4.36 3.09 25.60
N LYS C 155 -3.65 2.00 25.92
CA LYS C 155 -3.06 1.84 27.24
C LYS C 155 -2.04 2.93 27.52
N LEU C 156 -1.20 3.24 26.53
CA LEU C 156 -0.20 4.30 26.70
C LEU C 156 -0.88 5.63 26.96
N LEU C 157 -1.94 5.94 26.20
CA LEU C 157 -2.64 7.20 26.40
C LEU C 157 -3.24 7.27 27.80
N GLN C 158 -3.84 6.15 28.26
CA GLN C 158 -4.38 6.13 29.62
C GLN C 158 -3.28 6.36 30.64
N GLU C 159 -2.11 5.75 30.44
CA GLU C 159 -1.01 5.88 31.39
C GLU C 159 -0.47 7.29 31.44
N LEU C 160 -0.49 8.02 30.33
CA LEU C 160 0.15 9.33 30.26
C LEU C 160 -0.72 10.45 30.80
N GLN C 161 -1.95 10.17 31.21
CA GLN C 161 -2.85 11.23 31.62
C GLN C 161 -2.30 11.95 32.84
N PRO C 162 -2.56 13.25 32.98
CA PRO C 162 -1.95 14.03 34.05
C PRO C 162 -2.53 13.65 35.39
N PRO C 163 -1.85 14.04 36.48
CA PRO C 163 -2.39 13.74 37.81
C PRO C 163 -3.69 14.49 38.06
N VAL C 164 -4.51 13.91 38.95
CA VAL C 164 -5.83 14.48 39.22
C VAL C 164 -5.69 15.90 39.77
N GLN C 165 -4.75 16.10 40.69
CA GLN C 165 -4.52 17.40 41.31
C GLN C 165 -3.06 17.81 41.13
N GLN C 166 -2.84 19.01 40.61
CA GLN C 166 -1.49 19.49 40.37
C GLN C 166 -1.49 21.02 40.33
N VAL C 167 -0.34 21.60 40.65
CA VAL C 167 -0.13 23.04 40.60
C VAL C 167 0.79 23.34 39.43
N ILE C 168 0.29 24.10 38.46
CA ILE C 168 1.04 24.44 37.26
C ILE C 168 0.97 25.96 37.07
N SER C 169 2.14 26.58 36.88
CA SER C 169 2.24 28.04 36.79
C SER C 169 1.64 28.70 38.02
N HIS C 170 1.98 28.17 39.20
CA HIS C 170 1.40 28.56 40.48
C HIS C 170 -0.11 28.77 40.35
N CYS C 171 -0.75 27.92 39.56
CA CYS C 171 -2.21 27.83 39.50
C CYS C 171 -2.60 26.45 40.01
N ARG C 172 -3.51 26.41 40.98
CA ARG C 172 -4.12 25.14 41.37
C ARG C 172 -4.93 24.61 40.21
N VAL C 173 -4.86 23.30 39.99
CA VAL C 173 -5.56 22.65 38.89
C VAL C 173 -6.03 21.29 39.37
N ASN C 174 -7.32 21.03 39.19
CA ASN C 174 -7.89 19.71 39.48
C ASN C 174 -8.78 19.30 38.34
N TYR C 175 -8.86 17.99 38.10
CA TYR C 175 -9.79 17.48 37.10
C TYR C 175 -10.33 16.14 37.58
N ARG C 176 -11.60 15.89 37.26
CA ARG C 176 -12.26 14.66 37.66
C ARG C 176 -13.19 14.22 36.54
N GLN C 177 -13.01 12.97 36.08
CA GLN C 177 -13.83 12.39 35.03
C GLN C 177 -14.74 11.33 35.64
N LEU C 178 -15.99 11.28 35.15
CA LEU C 178 -16.96 10.32 35.65
C LEU C 178 -17.35 9.25 34.64
N VAL C 179 -17.10 9.45 33.34
CA VAL C 179 -17.32 8.37 32.39
C VAL C 179 -16.38 7.21 32.72
N ALA C 180 -16.70 6.04 32.18
CA ALA C 180 -15.94 4.83 32.47
C ALA C 180 -14.45 5.02 32.17
N ALA C 181 -13.62 4.98 33.20
CA ALA C 181 -12.18 5.12 33.05
C ALA C 181 -11.54 3.80 32.64
N ASP C 182 -10.28 3.90 32.23
CA ASP C 182 -9.47 2.78 31.71
C ASP C 182 -9.88 2.36 30.30
N LYS C 183 -10.98 2.93 29.80
CA LYS C 183 -11.31 2.83 28.38
C LYS C 183 -11.18 4.23 27.82
N PRO C 184 -10.04 4.58 27.20
CA PRO C 184 -9.75 5.99 26.95
C PRO C 184 -10.83 6.68 26.15
N GLY C 185 -11.51 7.64 26.78
CA GLY C 185 -12.50 8.45 26.12
C GLY C 185 -12.09 9.91 26.10
N LEU C 186 -12.79 10.75 26.87
CA LEU C 186 -12.33 12.11 27.07
C LEU C 186 -10.90 12.10 27.63
N VAL C 187 -10.02 12.89 27.02
CA VAL C 187 -8.60 12.90 27.35
C VAL C 187 -8.16 14.35 27.50
N LEU C 188 -7.29 14.59 28.48
CA LEU C 188 -6.84 15.93 28.78
C LEU C 188 -5.32 16.00 28.86
N ASP C 189 -4.80 17.18 28.51
CA ASP C 189 -3.41 17.49 28.78
C ASP C 189 -3.30 18.94 29.25
N ILE C 190 -2.47 19.13 30.26
CA ILE C 190 -2.19 20.43 30.85
C ILE C 190 -0.68 20.63 30.81
N ALA C 191 -0.25 21.77 30.26
CA ALA C 191 1.15 22.09 30.15
C ALA C 191 1.37 23.53 30.60
N ALA C 192 2.60 23.80 31.02
CA ALA C 192 3.02 25.13 31.43
C ALA C 192 3.76 25.78 30.27
N LEU C 193 3.22 26.88 29.76
CA LEU C 193 3.89 27.64 28.70
C LEU C 193 4.90 28.62 29.27
N SER C 194 4.81 28.95 30.55
CA SER C 194 5.70 29.90 31.19
C SER C 194 5.43 29.85 32.69
N GLU C 195 6.11 30.73 33.44
CA GLU C 195 5.87 30.83 34.87
C GLU C 195 4.49 31.37 35.19
N ASN C 196 3.82 32.01 34.22
CA ASN C 196 2.48 32.55 34.42
C ASN C 196 1.46 32.03 33.44
N ASP C 197 1.88 31.46 32.31
CA ASP C 197 0.97 30.97 31.29
C ASP C 197 0.82 29.47 31.44
N LEU C 198 -0.42 29.00 31.42
CA LEU C 198 -0.72 27.58 31.38
C LEU C 198 -1.70 27.35 30.24
N ALA C 199 -1.70 26.14 29.69
CA ALA C 199 -2.57 25.82 28.58
C ALA C 199 -2.98 24.36 28.69
N PHE C 200 -4.03 24.00 27.98
CA PHE C 200 -4.54 22.64 28.05
C PHE C 200 -5.40 22.36 26.84
N TYR C 201 -5.52 21.07 26.52
CA TYR C 201 -6.41 20.61 25.47
C TYR C 201 -7.21 19.41 25.95
N CYS C 202 -8.40 19.26 25.37
CA CYS C 202 -9.35 18.21 25.70
C CYS C 202 -9.88 17.58 24.41
N LEU C 203 -9.71 16.28 24.27
CA LEU C 203 -10.13 15.56 23.06
C LEU C 203 -10.92 14.33 23.43
N ASP C 204 -12.05 14.11 22.75
CA ASP C 204 -12.84 12.89 22.92
C ASP C 204 -12.40 11.90 21.85
N VAL C 205 -11.51 10.98 22.23
CA VAL C 205 -10.94 10.04 21.26
C VAL C 205 -11.89 8.91 20.90
N THR C 206 -13.12 8.92 21.42
CA THR C 206 -14.08 7.89 21.08
C THR C 206 -14.67 8.06 19.69
N ARG C 207 -14.48 9.23 19.06
CA ARG C 207 -15.07 9.48 17.75
C ARG C 207 -14.16 9.02 16.61
N ALA C 208 -12.87 9.28 16.70
CA ALA C 208 -11.91 8.88 15.68
C ALA C 208 -11.38 7.46 15.88
N GLY C 209 -11.75 6.81 16.98
CA GLY C 209 -11.26 5.46 17.20
C GLY C 209 -9.78 5.44 17.52
N HIS C 210 -9.09 4.42 17.00
CA HIS C 210 -7.65 4.32 17.23
C HIS C 210 -6.93 5.57 16.75
N ASN C 211 -7.30 6.07 15.57
CA ASN C 211 -6.71 7.32 15.08
C ASN C 211 -6.84 8.41 16.13
N GLY C 212 -8.01 8.53 16.76
CA GLY C 212 -8.17 9.49 17.83
C GLY C 212 -7.11 9.34 18.90
N VAL C 213 -6.92 8.10 19.38
CA VAL C 213 -5.86 7.85 20.35
C VAL C 213 -4.54 8.39 19.80
N LEU C 214 -4.20 7.99 18.57
CA LEU C 214 -2.97 8.49 17.95
C LEU C 214 -2.96 10.01 17.98
N ALA C 215 -4.06 10.63 17.52
CA ALA C 215 -4.15 12.09 17.54
C ALA C 215 -3.82 12.61 18.93
N ALA C 216 -4.47 12.05 19.95
CA ALA C 216 -4.22 12.49 21.32
C ALA C 216 -2.73 12.45 21.61
N LEU C 217 -2.10 11.30 21.33
CA LEU C 217 -0.67 11.17 21.58
C LEU C 217 0.09 12.26 20.83
N LEU C 218 -0.18 12.40 19.53
CA LEU C 218 0.50 13.43 18.76
C LEU C 218 0.30 14.79 19.42
N LEU C 219 -0.91 15.08 19.88
CA LEU C 219 -1.15 16.35 20.56
C LEU C 219 -0.21 16.50 21.75
N ARG C 220 -0.17 15.49 22.62
CA ARG C 220 0.68 15.59 23.81
C ARG C 220 2.14 15.74 23.42
N ALA C 221 2.52 15.31 22.22
CA ALA C 221 3.89 15.49 21.78
C ALA C 221 4.17 16.92 21.39
N LEU C 222 3.22 17.57 20.71
CA LEU C 222 3.50 18.81 19.99
C LEU C 222 2.65 20.00 20.40
N PHE C 223 1.50 19.80 21.05
CA PHE C 223 0.60 20.90 21.37
C PHE C 223 1.37 22.07 21.98
N ASN C 224 2.03 21.83 23.12
CA ASN C 224 2.86 22.85 23.75
C ASN C 224 3.67 23.59 22.70
N GLY C 225 4.54 22.86 22.00
CA GLY C 225 5.36 23.47 20.97
C GLY C 225 4.53 24.36 20.05
N LEU C 226 3.47 23.79 19.45
CA LEU C 226 2.68 24.56 18.50
C LEU C 226 2.18 25.84 19.13
N LEU C 227 1.59 25.74 20.33
CA LEU C 227 1.07 26.94 20.97
C LEU C 227 2.19 27.95 21.16
N GLN C 228 3.35 27.49 21.62
CA GLN C 228 4.48 28.39 21.80
C GLN C 228 4.83 29.08 20.50
N GLU C 229 4.81 28.34 19.38
CA GLU C 229 5.10 28.97 18.10
C GLU C 229 4.12 30.11 17.82
N GLN C 230 2.82 29.87 18.05
CA GLN C 230 1.85 30.94 17.83
C GLN C 230 2.02 32.07 18.83
N LEU C 231 2.61 31.80 19.98
CA LEU C 231 2.95 32.85 20.93
C LEU C 231 4.27 33.53 20.60
N ALA C 232 5.07 32.94 19.68
CA ALA C 232 6.33 33.57 19.29
C ALA C 232 6.08 34.90 18.58
N HIS C 233 5.09 34.94 17.69
CA HIS C 233 4.77 36.14 16.94
C HIS C 233 3.63 36.89 17.63
N GLN C 234 4.00 37.50 18.75
CA GLN C 234 3.10 38.28 19.58
C GLN C 234 3.95 39.22 20.42
N ASN C 235 3.29 40.19 21.06
CA ASN C 235 3.95 41.16 21.93
C ASN C 235 5.21 40.62 22.61
N PRO C 239 -3.48 33.54 23.26
CA PRO C 239 -4.47 34.10 22.34
C PRO C 239 -4.49 33.41 20.98
N GLU C 240 -5.34 33.90 20.08
CA GLU C 240 -5.48 33.37 18.73
C GLU C 240 -5.50 31.84 18.72
N LEU C 241 -6.25 31.25 19.66
CA LEU C 241 -6.34 29.80 19.74
C LEU C 241 -6.88 29.17 18.45
N GLY C 242 -7.73 29.90 17.72
CA GLY C 242 -8.35 29.31 16.52
C GLY C 242 -7.31 28.85 15.50
N ALA C 243 -6.28 29.67 15.29
CA ALA C 243 -5.21 29.26 14.40
C ALA C 243 -4.55 27.98 14.89
N LEU C 244 -4.44 27.81 16.21
CA LEU C 244 -3.91 26.56 16.76
C LEU C 244 -4.82 25.39 16.41
N LEU C 245 -6.13 25.58 16.50
CA LEU C 245 -7.04 24.50 16.14
C LEU C 245 -6.89 24.12 14.66
N LYS C 246 -6.80 25.13 13.78
CA LYS C 246 -6.63 24.82 12.36
C LYS C 246 -5.30 24.12 12.11
N GLN C 247 -4.24 24.58 12.78
CA GLN C 247 -2.94 23.94 12.63
C GLN C 247 -2.97 22.49 13.13
N VAL C 248 -3.75 22.23 14.17
CA VAL C 248 -3.92 20.86 14.65
C VAL C 248 -4.67 20.02 13.62
N ASN C 249 -5.69 20.61 12.99
CA ASN C 249 -6.36 19.93 11.89
C ASN C 249 -5.36 19.55 10.79
N HIS C 250 -4.49 20.49 10.44
CA HIS C 250 -3.49 20.22 9.41
C HIS C 250 -2.46 19.19 9.86
N LEU C 251 -2.13 19.17 11.16
CA LEU C 251 -1.26 18.13 11.68
C LEU C 251 -1.88 16.75 11.49
N LEU C 252 -3.12 16.59 11.97
CA LEU C 252 -3.80 15.30 11.82
C LEU C 252 -3.91 14.92 10.35
N ARG C 253 -3.98 15.92 9.47
CA ARG C 253 -3.99 15.64 8.04
C ARG C 253 -2.63 15.16 7.55
N GLN C 254 -1.55 15.80 8.02
CA GLN C 254 -0.20 15.39 7.61
C GLN C 254 0.08 13.96 8.04
N ALA C 255 -0.14 13.64 9.31
CA ALA C 255 -0.24 12.25 9.72
C ALA C 255 -1.49 11.65 9.10
N ASN C 256 -1.53 10.33 9.02
CA ASN C 256 -2.64 9.66 8.38
C ASN C 256 -3.76 9.37 9.40
N LEU C 257 -4.23 10.45 10.01
CA LEU C 257 -5.23 10.39 11.07
C LEU C 257 -6.53 11.02 10.57
N PRO C 258 -7.38 10.27 9.88
CA PRO C 258 -8.68 10.79 9.45
C PRO C 258 -9.71 10.67 10.58
N GLY C 259 -10.93 11.09 10.27
CA GLY C 259 -12.04 10.99 11.19
C GLY C 259 -12.36 12.33 11.85
N GLN C 260 -13.34 12.28 12.74
CA GLN C 260 -13.77 13.45 13.48
C GLN C 260 -12.98 13.56 14.78
N PHE C 261 -12.55 14.78 15.10
CA PHE C 261 -11.70 15.04 16.27
C PHE C 261 -12.31 16.19 17.06
N PRO C 262 -13.32 15.90 17.89
CA PRO C 262 -13.89 16.96 18.75
C PRO C 262 -12.86 17.41 19.78
N LEU C 263 -12.57 18.72 19.78
CA LEU C 263 -11.49 19.26 20.59
C LEU C 263 -11.95 20.52 21.33
N LEU C 264 -11.29 20.78 22.46
CA LEU C 264 -11.40 22.02 23.20
C LEU C 264 -9.99 22.46 23.55
N VAL C 265 -9.72 23.76 23.44
CA VAL C 265 -8.40 24.30 23.73
C VAL C 265 -8.56 25.50 24.65
N GLY C 266 -7.79 25.52 25.75
CA GLY C 266 -7.88 26.58 26.71
C GLY C 266 -6.50 27.06 27.11
N TYR C 267 -6.47 28.32 27.56
CA TYR C 267 -5.23 28.99 27.94
C TYR C 267 -5.55 29.97 29.05
N TYR C 268 -4.89 29.83 30.20
CA TYR C 268 -5.11 30.73 31.32
C TYR C 268 -3.80 31.43 31.67
N HIS C 269 -3.87 32.76 31.76
CA HIS C 269 -2.78 33.57 32.27
C HIS C 269 -3.14 34.02 33.68
N ARG C 270 -2.30 33.66 34.64
CA ARG C 270 -2.59 33.88 36.05
C ARG C 270 -2.53 35.36 36.42
N GLU C 271 -1.44 36.04 36.03
CA GLU C 271 -1.29 37.44 36.42
C GLU C 271 -2.29 38.33 35.70
N LEU C 272 -2.68 37.97 34.48
CA LEU C 272 -3.75 38.67 33.78
C LEU C 272 -5.13 38.13 34.14
N LYS C 273 -5.20 37.15 35.04
CA LYS C 273 -6.46 36.58 35.51
C LYS C 273 -7.43 36.36 34.35
N ASN C 274 -6.92 35.77 33.26
CA ASN C 274 -7.71 35.63 32.04
C ASN C 274 -7.69 34.20 31.54
N LEU C 275 -8.87 33.69 31.18
CA LEU C 275 -9.04 32.38 30.57
C LEU C 275 -9.62 32.56 29.17
N ILE C 276 -9.00 31.94 28.17
CA ILE C 276 -9.51 31.97 26.80
C ILE C 276 -9.75 30.54 26.35
N LEU C 277 -10.91 30.31 25.73
CA LEU C 277 -11.38 28.96 25.40
C LEU C 277 -12.00 28.93 24.01
N VAL C 278 -11.74 27.85 23.29
CA VAL C 278 -12.37 27.62 21.99
C VAL C 278 -12.69 26.13 21.87
N SER C 279 -13.81 25.82 21.22
CA SER C 279 -14.29 24.45 21.09
C SER C 279 -14.71 24.17 19.66
N ALA C 280 -14.30 23.00 19.16
CA ALA C 280 -14.70 22.49 17.85
C ALA C 280 -15.14 21.05 18.07
N GLY C 281 -16.42 20.85 18.40
CA GLY C 281 -16.97 19.52 18.57
C GLY C 281 -17.47 19.21 19.96
N LEU C 282 -16.75 19.66 20.99
CA LEU C 282 -17.06 19.30 22.37
C LEU C 282 -18.00 20.31 23.02
N ASN C 283 -18.98 19.81 23.75
CA ASN C 283 -19.83 20.66 24.58
C ASN C 283 -19.09 21.01 25.87
N ALA C 284 -19.47 22.13 26.47
CA ALA C 284 -18.81 22.56 27.70
C ALA C 284 -19.48 23.80 28.24
N THR C 285 -19.29 24.02 29.55
CA THR C 285 -19.81 25.19 30.25
C THR C 285 -18.82 25.63 31.30
N LEU C 286 -18.93 26.90 31.70
CA LEU C 286 -18.15 27.42 32.82
C LEU C 286 -18.80 28.70 33.35
N GLY C 289 -17.87 30.87 38.76
CA GLY C 289 -18.01 31.60 37.52
C GLY C 289 -18.76 32.90 37.68
N GLU C 290 -18.97 33.60 36.56
CA GLU C 290 -19.66 34.89 36.57
C GLU C 290 -21.04 34.79 35.93
N GLN C 292 -22.56 31.80 34.54
CA GLN C 292 -22.12 30.69 33.71
C GLN C 292 -22.12 31.07 32.24
N VAL C 293 -21.18 30.50 31.49
CA VAL C 293 -21.12 30.64 30.04
C VAL C 293 -20.96 29.25 29.45
N GLN C 294 -21.80 28.91 28.48
CA GLN C 294 -21.72 27.63 27.79
C GLN C 294 -20.87 27.80 26.53
N ILE C 295 -19.77 27.05 26.44
CA ILE C 295 -18.90 27.14 25.27
C ILE C 295 -19.65 26.61 24.05
N SER C 296 -19.39 27.22 22.90
CA SER C 296 -20.03 26.78 21.66
C SER C 296 -19.65 25.35 21.33
N ASN C 297 -20.61 24.61 20.77
CA ASN C 297 -20.36 23.22 20.43
C ASN C 297 -19.25 23.09 19.39
N GLY C 298 -19.37 23.81 18.28
CA GLY C 298 -18.38 23.79 17.24
C GLY C 298 -18.49 22.55 16.36
N VAL C 299 -17.70 22.55 15.29
CA VAL C 299 -17.65 21.45 14.34
C VAL C 299 -16.33 20.71 14.55
N PRO C 300 -16.35 19.40 14.84
CA PRO C 300 -15.08 18.69 15.09
C PRO C 300 -14.02 18.91 14.02
N LEU C 301 -12.75 18.75 14.40
CA LEU C 301 -11.66 18.89 13.46
C LEU C 301 -11.61 17.70 12.52
N GLY C 302 -10.81 17.83 11.46
CA GLY C 302 -10.79 16.87 10.39
C GLY C 302 -11.98 16.98 9.47
N THR C 303 -12.89 17.92 9.74
CA THR C 303 -14.08 18.14 8.94
C THR C 303 -14.24 19.65 8.75
N LEU C 304 -15.06 20.03 7.77
CA LEU C 304 -15.35 21.41 7.42
C LEU C 304 -14.16 22.10 6.76
N GLY C 305 -13.02 21.42 6.63
CA GLY C 305 -11.82 22.06 6.12
C GLY C 305 -11.19 22.94 7.16
N ASN C 306 -11.95 23.92 7.66
CA ASN C 306 -11.50 24.81 8.71
C ASN C 306 -12.71 25.21 9.55
N ALA C 307 -12.67 24.90 10.85
CA ALA C 307 -13.82 25.16 11.71
C ALA C 307 -14.13 26.65 11.79
N TYR C 308 -13.09 27.49 11.95
CA TYR C 308 -13.24 28.94 11.97
C TYR C 308 -14.25 29.37 13.04
N LEU C 309 -13.87 29.12 14.30
CA LEU C 309 -14.76 29.28 15.45
C LEU C 309 -14.26 30.41 16.36
N ASN C 310 -14.97 30.63 17.48
CA ASN C 310 -14.80 31.81 18.33
C ASN C 310 -13.98 31.52 19.59
N GLN C 311 -13.73 32.57 20.36
CA GLN C 311 -13.02 32.51 21.64
C GLN C 311 -13.86 33.18 22.73
N LEU C 312 -13.26 33.44 23.90
CA LEU C 312 -13.97 34.09 24.99
C LEU C 312 -13.00 34.46 26.10
N SER C 313 -13.19 35.63 26.70
CA SER C 313 -12.39 36.07 27.84
C SER C 313 -13.33 36.46 28.98
N GLN C 314 -13.17 35.81 30.13
CA GLN C 314 -14.01 36.08 31.29
C GLN C 314 -13.32 36.95 32.35
N ARG C 315 -11.99 36.94 32.39
CA ARG C 315 -11.23 37.82 33.27
C ARG C 315 -11.52 37.50 34.75
N CYS C 316 -11.48 36.22 35.08
CA CYS C 316 -11.65 35.75 36.45
C CYS C 316 -10.34 35.18 36.98
N ASP C 317 -10.33 34.91 38.28
CA ASP C 317 -9.17 34.34 38.96
C ASP C 317 -9.27 32.83 39.09
N ALA C 318 -10.45 32.31 39.39
CA ALA C 318 -10.70 30.88 39.52
C ALA C 318 -11.92 30.53 38.68
N TRP C 319 -11.88 29.35 38.08
CA TRP C 319 -12.96 28.95 37.18
C TRP C 319 -13.24 27.46 37.32
N GLN C 320 -14.47 27.11 36.94
CA GLN C 320 -14.96 25.73 36.95
C GLN C 320 -15.59 25.47 35.59
N CYS C 321 -14.92 24.66 34.76
CA CYS C 321 -15.41 24.34 33.43
C CYS C 321 -15.66 22.85 33.32
N GLN C 322 -16.89 22.47 33.01
CA GLN C 322 -17.23 21.09 32.69
C GLN C 322 -17.22 20.91 31.17
N ILE C 323 -16.61 19.82 30.72
CA ILE C 323 -16.45 19.53 29.29
C ILE C 323 -16.99 18.14 29.04
N TRP C 324 -17.96 18.02 28.14
CA TRP C 324 -18.55 16.73 27.84
C TRP C 324 -18.73 16.57 26.34
N GLY C 325 -18.55 15.32 25.90
CA GLY C 325 -18.88 14.92 24.54
C GLY C 325 -19.45 13.51 24.56
N THR C 326 -19.86 13.05 23.37
CA THR C 326 -20.51 11.75 23.27
C THR C 326 -19.69 10.61 23.84
N GLY C 327 -18.41 10.81 24.11
CA GLY C 327 -17.56 9.76 24.62
C GLY C 327 -17.13 9.92 26.08
N GLY C 328 -17.51 11.00 26.73
CA GLY C 328 -17.11 11.20 28.11
C GLY C 328 -17.64 12.48 28.70
N ARG C 329 -17.46 12.61 30.01
CA ARG C 329 -17.80 13.81 30.75
C ARG C 329 -16.70 14.09 31.78
N LEU C 330 -16.32 15.36 31.90
CA LEU C 330 -15.18 15.72 32.72
C LEU C 330 -15.39 17.08 33.37
N ARG C 331 -14.74 17.30 34.50
CA ARG C 331 -14.71 18.61 35.15
C ARG C 331 -13.27 19.06 35.33
N LEU C 332 -13.04 20.37 35.13
CA LEU C 332 -11.74 21.00 35.29
C LEU C 332 -11.91 22.23 36.18
N MET C 333 -10.95 22.44 37.08
CA MET C 333 -11.06 23.44 38.12
C MET C 333 -9.73 24.16 38.29
N LEU C 334 -9.78 25.48 38.41
CA LEU C 334 -8.61 26.28 38.72
C LEU C 334 -8.94 27.21 39.89
N SER C 335 -8.13 27.14 40.93
CA SER C 335 -8.30 27.95 42.12
C SER C 335 -7.06 28.81 42.35
N THR D 2 -5.28 15.44 -24.92
CA THR D 2 -6.38 16.14 -25.58
C THR D 2 -7.15 15.17 -26.48
N GLN D 3 -6.44 14.23 -27.10
CA GLN D 3 -7.07 13.21 -27.94
C GLN D 3 -6.72 11.79 -27.52
N PRO D 4 -6.74 11.46 -26.22
CA PRO D 4 -6.47 10.07 -25.83
C PRO D 4 -7.68 9.16 -25.98
N LEU D 5 -8.87 9.69 -25.66
CA LEU D 5 -10.10 8.92 -25.66
C LEU D 5 -10.94 9.16 -26.90
N VAL D 6 -10.32 9.62 -28.00
CA VAL D 6 -11.06 9.79 -29.24
C VAL D 6 -11.53 8.42 -29.72
N GLY D 7 -12.78 8.36 -30.18
CA GLY D 7 -13.37 7.12 -30.64
C GLY D 7 -13.95 6.25 -29.55
N LYS D 8 -13.91 6.68 -28.29
CA LYS D 8 -14.46 5.93 -27.18
C LYS D 8 -15.83 6.50 -26.83
N GLN D 9 -16.87 5.69 -27.04
CA GLN D 9 -18.24 6.10 -26.73
C GLN D 9 -18.51 5.76 -25.26
N ILE D 10 -18.66 6.80 -24.44
CA ILE D 10 -18.77 6.65 -23.00
C ILE D 10 -20.15 7.10 -22.56
N LEU D 11 -20.83 6.23 -21.82
CA LEU D 11 -22.14 6.51 -21.26
C LEU D 11 -22.01 6.94 -19.81
N ILE D 12 -22.89 7.84 -19.39
CA ILE D 12 -22.90 8.35 -18.03
C ILE D 12 -24.34 8.32 -17.53
N VAL D 13 -24.54 7.78 -16.33
CA VAL D 13 -25.86 7.67 -15.72
C VAL D 13 -25.71 8.25 -14.32
N GLU D 14 -26.05 9.53 -14.16
CA GLU D 14 -25.84 10.27 -12.93
C GLU D 14 -27.11 11.04 -12.58
N ASP D 15 -27.35 11.18 -11.27
CA ASP D 15 -28.53 11.88 -10.79
C ASP D 15 -28.32 13.38 -10.65
N GLU D 16 -27.10 13.80 -10.33
CA GLU D 16 -26.81 15.20 -10.01
C GLU D 16 -26.39 15.95 -11.26
N GLN D 17 -26.92 17.16 -11.42
CA GLN D 17 -26.62 17.95 -12.61
C GLN D 17 -25.13 18.28 -12.71
N VAL D 18 -24.56 18.80 -11.63
CA VAL D 18 -23.20 19.33 -11.70
C VAL D 18 -22.20 18.20 -11.97
N PHE D 19 -22.34 17.07 -11.29
CA PHE D 19 -21.43 15.95 -11.54
C PHE D 19 -21.57 15.47 -12.98
N ARG D 20 -22.80 15.42 -13.48
CA ARG D 20 -23.04 15.00 -14.86
C ARG D 20 -22.32 15.91 -15.84
N SER D 21 -22.44 17.23 -15.64
CA SER D 21 -21.78 18.17 -16.54
C SER D 21 -20.26 18.10 -16.41
N LEU D 22 -19.75 17.88 -15.20
CA LEU D 22 -18.31 17.76 -15.00
C LEU D 22 -17.77 16.53 -15.74
N LEU D 23 -18.45 15.39 -15.60
CA LEU D 23 -18.04 14.20 -16.32
C LEU D 23 -18.11 14.43 -17.83
N ASP D 24 -19.18 15.09 -18.30
CA ASP D 24 -19.30 15.36 -19.73
C ASP D 24 -18.13 16.20 -20.23
N SER D 25 -17.82 17.29 -19.51
CA SER D 25 -16.70 18.14 -19.92
C SER D 25 -15.40 17.36 -19.91
N TRP D 26 -15.18 16.57 -18.88
CA TRP D 26 -13.94 15.79 -18.79
C TRP D 26 -13.82 14.81 -19.96
N PHE D 27 -14.85 14.00 -20.18
CA PHE D 27 -14.78 12.98 -21.22
C PHE D 27 -14.71 13.60 -22.61
N SER D 28 -15.47 14.67 -22.87
CA SER D 28 -15.43 15.33 -24.16
C SER D 28 -14.07 15.98 -24.41
N SER D 29 -13.47 16.56 -23.37
CA SER D 29 -12.16 17.17 -23.51
C SER D 29 -11.14 16.15 -24.02
N LEU D 30 -11.20 14.93 -23.50
CA LEU D 30 -10.34 13.85 -23.98
C LEU D 30 -10.77 13.31 -25.34
N GLY D 31 -11.88 13.80 -25.88
CA GLY D 31 -12.36 13.37 -27.18
C GLY D 31 -13.41 12.29 -27.16
N ALA D 32 -13.94 11.95 -25.99
CA ALA D 32 -14.94 10.90 -25.88
C ALA D 32 -16.30 11.41 -26.32
N THR D 33 -17.08 10.52 -26.92
CA THR D 33 -18.46 10.80 -27.27
C THR D 33 -19.32 10.44 -26.06
N THR D 34 -19.89 11.45 -25.42
CA THR D 34 -20.59 11.27 -24.15
C THR D 34 -22.08 11.15 -24.38
N VAL D 35 -22.69 10.15 -23.75
CA VAL D 35 -24.14 10.02 -23.66
C VAL D 35 -24.50 10.00 -22.18
N LEU D 36 -25.33 10.95 -21.77
CA LEU D 36 -25.68 11.12 -20.37
C LEU D 36 -27.15 10.81 -20.15
N ALA D 37 -27.48 10.38 -18.93
CA ALA D 37 -28.83 10.03 -18.58
C ALA D 37 -29.12 10.53 -17.16
N ALA D 38 -30.40 10.45 -16.79
CA ALA D 38 -30.84 10.88 -15.46
C ALA D 38 -31.59 9.81 -14.69
N ASP D 39 -32.09 8.76 -15.34
CA ASP D 39 -32.85 7.71 -14.68
C ASP D 39 -32.41 6.35 -15.21
N GLY D 40 -32.63 5.33 -14.40
CA GLY D 40 -32.12 4.00 -14.74
C GLY D 40 -32.77 3.39 -15.96
N VAL D 41 -34.10 3.48 -16.06
CA VAL D 41 -34.80 2.88 -17.20
C VAL D 41 -34.37 3.57 -18.49
N ASP D 42 -34.20 4.89 -18.43
CA ASP D 42 -33.62 5.62 -19.56
C ASP D 42 -32.37 4.91 -20.05
N ALA D 43 -31.38 4.77 -19.17
CA ALA D 43 -30.10 4.18 -19.55
C ALA D 43 -30.29 2.75 -20.07
N LEU D 44 -31.22 2.00 -19.48
CA LEU D 44 -31.47 0.65 -19.96
C LEU D 44 -31.90 0.67 -21.43
N GLU D 45 -32.83 1.55 -21.78
CA GLU D 45 -33.25 1.64 -23.19
C GLU D 45 -32.10 2.14 -24.07
N LEU D 46 -31.36 3.15 -23.60
CA LEU D 46 -30.24 3.67 -24.38
C LEU D 46 -29.26 2.56 -24.71
N LEU D 47 -28.93 1.73 -23.72
CA LEU D 47 -28.03 0.61 -23.95
C LEU D 47 -28.66 -0.42 -24.87
N GLY D 48 -29.97 -0.60 -24.79
CA GLY D 48 -30.65 -1.37 -25.80
C GLY D 48 -30.36 -0.87 -27.20
N GLY D 49 -30.07 0.43 -27.33
CA GLY D 49 -29.67 0.97 -28.62
C GLY D 49 -28.21 1.38 -28.77
N PHE D 50 -27.55 1.70 -27.65
CA PHE D 50 -26.23 2.31 -27.65
C PHE D 50 -25.25 1.35 -26.99
N THR D 51 -24.19 0.99 -27.69
CA THR D 51 -23.21 0.05 -27.16
C THR D 51 -21.93 0.82 -26.83
N PRO D 52 -21.86 1.48 -25.69
CA PRO D 52 -20.67 2.29 -25.38
C PRO D 52 -19.49 1.42 -25.06
N ASP D 53 -18.31 2.06 -25.02
CA ASP D 53 -17.10 1.37 -24.61
C ASP D 53 -16.95 1.37 -23.10
N LEU D 54 -17.31 2.46 -22.44
CA LEU D 54 -17.31 2.56 -20.99
C LEU D 54 -18.62 3.15 -20.51
N MET D 55 -19.01 2.79 -19.30
CA MET D 55 -20.22 3.33 -18.70
C MET D 55 -19.95 3.66 -17.24
N ILE D 56 -20.10 4.93 -16.91
CA ILE D 56 -20.15 5.36 -15.51
C ILE D 56 -21.58 5.21 -15.04
N CYS D 57 -21.75 5.04 -13.73
CA CYS D 57 -23.08 4.83 -13.18
C CYS D 57 -23.07 5.11 -11.69
N ASP D 58 -24.09 5.80 -11.22
CA ASP D 58 -24.25 6.11 -9.81
C ASP D 58 -25.23 5.13 -9.18
N ILE D 59 -24.93 4.72 -7.95
CA ILE D 59 -25.85 3.86 -7.21
C ILE D 59 -27.04 4.65 -6.68
N ALA D 60 -26.91 5.96 -6.50
CA ALA D 60 -28.00 6.78 -5.99
C ALA D 60 -28.89 7.24 -7.14
N MET D 61 -29.57 6.26 -7.74
CA MET D 61 -30.53 6.49 -8.82
C MET D 61 -31.91 6.07 -8.35
N PRO D 62 -32.77 7.00 -7.93
CA PRO D 62 -34.05 6.58 -7.33
C PRO D 62 -34.88 5.64 -8.20
N ARG D 63 -34.70 5.69 -9.52
CA ARG D 63 -35.54 4.90 -10.42
C ARG D 63 -35.09 3.44 -10.47
N MET D 64 -33.82 3.19 -10.79
CA MET D 64 -33.29 1.84 -10.88
C MET D 64 -32.08 1.63 -9.98
N ASN D 65 -31.57 2.68 -9.33
CA ASN D 65 -30.51 2.66 -8.33
C ASN D 65 -29.20 2.08 -8.86
N GLY D 66 -29.09 1.85 -10.17
CA GLY D 66 -27.83 1.40 -10.72
C GLY D 66 -27.59 -0.09 -10.57
N LEU D 67 -27.60 -0.58 -9.33
CA LEU D 67 -27.35 -2.01 -9.11
C LEU D 67 -28.34 -2.85 -9.89
N LYS D 68 -29.63 -2.47 -9.89
CA LYS D 68 -30.62 -3.21 -10.66
C LYS D 68 -30.35 -3.10 -12.15
N LEU D 69 -29.90 -1.93 -12.60
CA LEU D 69 -29.47 -1.79 -13.99
C LEU D 69 -28.36 -2.79 -14.32
N LEU D 70 -27.34 -2.87 -13.46
CA LEU D 70 -26.22 -3.77 -13.71
C LEU D 70 -26.66 -5.23 -13.67
N GLU D 71 -27.60 -5.56 -12.78
CA GLU D 71 -28.16 -6.91 -12.78
C GLU D 71 -28.83 -7.21 -14.11
N HIS D 72 -29.62 -6.26 -14.62
CA HIS D 72 -30.19 -6.41 -15.95
C HIS D 72 -29.11 -6.68 -16.98
N ILE D 73 -28.04 -5.89 -16.96
CA ILE D 73 -27.01 -6.00 -17.98
C ILE D 73 -26.34 -7.37 -17.94
N ARG D 74 -25.93 -7.80 -16.74
CA ARG D 74 -25.18 -9.05 -16.64
C ARG D 74 -26.05 -10.26 -16.90
N ASN D 75 -27.30 -10.23 -16.44
CA ASN D 75 -28.18 -11.38 -16.65
C ASN D 75 -28.51 -11.59 -18.12
N ARG D 76 -28.33 -10.57 -18.96
CA ARG D 76 -28.52 -10.69 -20.39
C ARG D 76 -27.22 -10.95 -21.14
N GLY D 77 -26.11 -11.14 -20.42
CA GLY D 77 -24.87 -11.60 -21.00
C GLY D 77 -23.90 -10.52 -21.43
N ASP D 78 -24.29 -9.25 -21.37
CA ASP D 78 -23.39 -8.19 -21.81
C ASP D 78 -22.21 -8.07 -20.85
N GLN D 79 -21.10 -7.54 -21.38
CA GLN D 79 -19.86 -7.40 -20.62
C GLN D 79 -19.24 -6.02 -20.77
N THR D 80 -20.03 -5.02 -21.12
CA THR D 80 -19.50 -3.66 -21.21
C THR D 80 -19.00 -3.22 -19.84
N PRO D 81 -17.80 -2.66 -19.73
CA PRO D 81 -17.26 -2.31 -18.41
C PRO D 81 -18.03 -1.18 -17.76
N VAL D 82 -18.10 -1.22 -16.43
CA VAL D 82 -18.87 -0.27 -15.64
C VAL D 82 -17.96 0.32 -14.57
N LEU D 83 -18.03 1.63 -14.40
CA LEU D 83 -17.40 2.34 -13.27
C LEU D 83 -18.52 2.85 -12.38
N VAL D 84 -18.77 2.14 -11.29
CA VAL D 84 -19.86 2.48 -10.37
C VAL D 84 -19.41 3.63 -9.48
N ILE D 85 -20.34 4.54 -9.22
CA ILE D 85 -20.14 5.65 -8.30
C ILE D 85 -21.05 5.45 -7.10
N SER D 86 -20.46 5.37 -5.93
CA SER D 86 -21.20 5.28 -4.68
C SER D 86 -20.84 6.50 -3.82
N ALA D 87 -21.31 6.50 -2.58
CA ALA D 87 -21.08 7.61 -1.68
C ALA D 87 -20.96 7.09 -0.25
N THR D 88 -19.88 7.45 0.42
CA THR D 88 -19.70 7.22 1.87
C THR D 88 -19.84 5.73 2.15
N GLU D 89 -20.83 5.29 2.93
CA GLU D 89 -21.03 3.90 3.29
C GLU D 89 -22.32 3.45 2.62
N ASN D 90 -22.18 2.71 1.52
CA ASN D 90 -23.28 2.00 0.88
C ASN D 90 -22.90 0.54 0.72
N MET D 91 -22.29 -0.02 1.77
CA MET D 91 -21.73 -1.37 1.68
C MET D 91 -22.80 -2.36 1.18
N ALA D 92 -24.05 -2.19 1.63
CA ALA D 92 -25.13 -3.04 1.14
C ALA D 92 -25.32 -2.93 -0.36
N ASP D 93 -24.86 -1.84 -0.97
CA ASP D 93 -24.89 -1.68 -2.43
C ASP D 93 -23.53 -1.83 -3.08
N ILE D 94 -22.47 -1.34 -2.43
CA ILE D 94 -21.14 -1.42 -3.01
C ILE D 94 -20.69 -2.87 -3.11
N ALA D 95 -21.07 -3.69 -2.13
CA ALA D 95 -20.75 -5.12 -2.21
C ALA D 95 -21.38 -5.77 -3.42
N LYS D 96 -22.68 -5.51 -3.64
CA LYS D 96 -23.35 -6.06 -4.81
C LYS D 96 -22.67 -5.58 -6.08
N ALA D 97 -22.33 -4.29 -6.14
CA ALA D 97 -21.69 -3.75 -7.33
C ALA D 97 -20.36 -4.45 -7.61
N LEU D 98 -19.54 -4.62 -6.56
CA LEU D 98 -18.25 -5.28 -6.73
C LEU D 98 -18.43 -6.71 -7.19
N ARG D 99 -19.43 -7.41 -6.64
CA ARG D 99 -19.64 -8.81 -7.02
C ARG D 99 -20.18 -8.94 -8.44
N LEU D 100 -20.96 -7.96 -8.90
CA LEU D 100 -21.62 -8.09 -10.20
C LEU D 100 -20.63 -8.05 -11.35
N GLY D 101 -19.49 -7.37 -11.18
CA GLY D 101 -18.51 -7.27 -12.24
C GLY D 101 -18.06 -5.86 -12.56
N VAL D 102 -18.27 -4.94 -11.62
CA VAL D 102 -17.77 -3.58 -11.81
C VAL D 102 -16.25 -3.60 -11.89
N GLU D 103 -15.68 -2.54 -12.45
CA GLU D 103 -14.23 -2.39 -12.52
C GLU D 103 -13.67 -1.66 -11.30
N ASP D 104 -14.33 -0.62 -10.81
CA ASP D 104 -13.87 0.07 -9.60
C ASP D 104 -15.08 0.76 -8.96
N VAL D 105 -14.83 1.56 -7.92
CA VAL D 105 -15.89 2.21 -7.16
C VAL D 105 -15.43 3.60 -6.73
N LEU D 106 -16.11 4.63 -7.20
CA LEU D 106 -15.86 5.98 -6.74
C LEU D 106 -16.70 6.29 -5.51
N LEU D 107 -16.44 7.45 -4.92
CA LEU D 107 -17.16 7.93 -3.76
C LEU D 107 -17.85 9.25 -4.12
N LYS D 108 -18.62 9.77 -3.17
CA LYS D 108 -19.30 11.06 -3.39
C LYS D 108 -18.33 12.15 -3.79
N PRO D 109 -17.22 12.39 -3.07
CA PRO D 109 -16.25 13.40 -3.51
C PRO D 109 -15.24 12.84 -4.49
N VAL D 110 -15.27 13.33 -5.74
CA VAL D 110 -14.29 12.94 -6.74
C VAL D 110 -13.69 14.19 -7.37
N LYS D 111 -13.63 15.28 -6.60
CA LYS D 111 -13.12 16.54 -7.15
C LYS D 111 -11.69 16.41 -7.64
N ASP D 112 -10.91 15.46 -7.12
CA ASP D 112 -9.53 15.32 -7.56
C ASP D 112 -9.46 14.98 -9.04
N LEU D 113 -10.30 14.06 -9.51
CA LEU D 113 -10.44 13.70 -10.91
C LEU D 113 -9.25 12.91 -11.43
N ASN D 114 -8.18 12.82 -10.64
CA ASN D 114 -7.05 11.98 -11.04
C ASN D 114 -7.35 10.50 -10.77
N ARG D 115 -8.08 10.22 -9.69
CA ARG D 115 -8.52 8.86 -9.41
C ARG D 115 -9.43 8.34 -10.53
N LEU D 116 -10.44 9.12 -10.90
CA LEU D 116 -11.30 8.75 -12.03
C LEU D 116 -10.49 8.61 -13.30
N ARG D 117 -9.54 9.52 -13.52
CA ARG D 117 -8.70 9.47 -14.71
C ARG D 117 -7.98 8.14 -14.81
N GLU D 118 -7.32 7.73 -13.73
CA GLU D 118 -6.62 6.45 -13.72
C GLU D 118 -7.57 5.30 -13.97
N MET D 119 -8.74 5.32 -13.31
CA MET D 119 -9.71 4.25 -13.50
C MET D 119 -10.10 4.14 -14.97
N VAL D 120 -10.46 5.27 -15.59
CA VAL D 120 -10.93 5.24 -16.98
C VAL D 120 -9.82 4.77 -17.91
N PHE D 121 -8.61 5.32 -17.74
CA PHE D 121 -7.52 4.96 -18.64
C PHE D 121 -7.14 3.51 -18.51
N ALA D 122 -7.08 2.99 -17.29
CA ALA D 122 -6.80 1.57 -17.09
C ALA D 122 -7.89 0.71 -17.70
N CYS D 123 -9.14 1.15 -17.60
CA CYS D 123 -10.25 0.37 -18.14
C CYS D 123 -10.18 0.31 -19.67
N LEU D 124 -10.03 1.46 -20.32
CA LEU D 124 -10.06 1.51 -21.78
C LEU D 124 -8.78 0.97 -22.40
N TYR D 125 -7.64 1.11 -21.72
CA TYR D 125 -6.35 0.67 -22.23
C TYR D 125 -5.68 -0.17 -21.16
N PRO D 126 -6.06 -1.45 -21.04
CA PRO D 126 -5.55 -2.26 -19.92
C PRO D 126 -4.04 -2.32 -19.85
N SER D 127 -3.36 -2.27 -21.00
CA SER D 127 -1.91 -2.44 -21.06
C SER D 127 -1.25 -1.26 -21.77
N MET D 128 -1.86 -0.08 -21.71
CA MET D 128 -1.21 1.11 -22.25
C MET D 128 -0.13 1.61 -21.30
N PHE D 129 -0.52 1.88 -20.05
CA PHE D 129 0.41 2.29 -19.01
C PHE D 129 -0.07 1.69 -17.69
N ASN D 130 0.83 1.65 -16.71
CA ASN D 130 0.46 1.23 -15.36
C ASN D 130 -0.56 2.18 -14.74
N SER D 131 -0.90 3.27 -15.42
CA SER D 131 -1.82 4.29 -14.93
C SER D 131 -1.33 4.91 -13.62
N ARG D 132 -0.02 4.80 -13.35
CA ARG D 132 0.60 5.27 -12.11
C ARG D 132 -0.12 4.73 -10.88
N VAL D 133 -0.87 3.65 -11.06
CA VAL D 133 -1.57 2.98 -9.96
C VAL D 133 -0.95 1.63 -9.65
N GLU D 134 -0.06 1.13 -10.50
CA GLU D 134 0.69 -0.08 -10.21
C GLU D 134 1.81 0.16 -9.21
N GLU D 135 2.03 1.41 -8.78
CA GLU D 135 2.82 1.63 -7.57
C GLU D 135 2.23 0.85 -6.41
N GLU D 136 0.91 0.62 -6.44
CA GLU D 136 0.28 -0.14 -5.39
C GLU D 136 0.85 -1.55 -5.30
N GLU D 137 1.41 -2.08 -6.39
CA GLU D 137 2.13 -3.35 -6.28
C GLU D 137 3.33 -3.21 -5.34
N ARG D 138 4.06 -2.12 -5.46
CA ARG D 138 5.18 -1.85 -4.55
C ARG D 138 4.69 -1.68 -3.11
N LEU D 139 3.64 -0.89 -2.93
CA LEU D 139 3.10 -0.69 -1.58
C LEU D 139 2.65 -2.02 -0.99
N PHE D 140 2.00 -2.87 -1.79
CA PHE D 140 1.55 -4.16 -1.28
C PHE D 140 2.70 -5.10 -1.03
N ARG D 141 3.81 -4.97 -1.75
CA ARG D 141 4.99 -5.75 -1.41
C ARG D 141 5.42 -5.44 0.03
N ASP D 142 5.53 -4.15 0.36
CA ASP D 142 5.90 -3.80 1.74
C ASP D 142 4.83 -4.26 2.73
N TRP D 143 3.57 -3.98 2.41
CA TRP D 143 2.45 -4.36 3.27
C TRP D 143 2.45 -5.85 3.56
N ASP D 144 2.62 -6.66 2.52
CA ASP D 144 2.68 -8.10 2.68
C ASP D 144 3.85 -8.48 3.57
N ALA D 145 5.00 -7.83 3.38
CA ALA D 145 6.15 -8.12 4.22
C ALA D 145 5.84 -7.91 5.70
N MET D 146 5.00 -6.93 6.02
CA MET D 146 4.75 -6.60 7.42
C MET D 146 3.62 -7.42 8.07
N VAL D 147 2.92 -8.27 7.35
CA VAL D 147 1.75 -8.94 7.93
C VAL D 147 1.70 -10.42 7.63
N ASP D 148 2.50 -10.89 6.67
CA ASP D 148 2.39 -12.26 6.23
C ASP D 148 3.10 -13.22 7.18
N ASN D 149 2.74 -14.50 7.08
CA ASN D 149 3.27 -15.57 7.92
C ASN D 149 4.03 -16.55 7.03
N PRO D 150 5.25 -16.19 6.61
CA PRO D 150 5.98 -17.08 5.68
C PRO D 150 6.25 -18.47 6.23
N ALA D 151 6.43 -18.60 7.55
CA ALA D 151 6.68 -19.92 8.13
C ALA D 151 5.50 -20.86 7.89
N ALA D 152 4.27 -20.35 8.10
CA ALA D 152 3.10 -21.18 7.87
C ALA D 152 2.97 -21.58 6.41
N ALA D 153 3.32 -20.66 5.50
CA ALA D 153 3.30 -20.98 4.08
C ALA D 153 4.30 -22.09 3.76
N ALA D 154 5.51 -22.00 4.31
CA ALA D 154 6.51 -23.03 4.07
C ALA D 154 6.05 -24.37 4.62
N LYS D 155 5.45 -24.38 5.81
CA LYS D 155 4.95 -25.63 6.38
C LYS D 155 3.84 -26.22 5.52
N LEU D 156 2.92 -25.38 5.05
CA LEU D 156 1.84 -25.87 4.20
C LEU D 156 2.40 -26.46 2.92
N LEU D 157 3.38 -25.79 2.31
CA LEU D 157 3.99 -26.32 1.10
C LEU D 157 4.65 -27.67 1.36
N GLN D 158 5.36 -27.79 2.48
CA GLN D 158 6.00 -29.06 2.81
C GLN D 158 4.97 -30.17 3.05
N GLU D 159 3.81 -29.81 3.60
CA GLU D 159 2.74 -30.80 3.76
C GLU D 159 2.25 -31.30 2.40
N LEU D 160 2.07 -30.38 1.44
CA LEU D 160 1.47 -30.73 0.16
C LEU D 160 2.37 -31.61 -0.70
N GLN D 161 3.63 -31.80 -0.33
CA GLN D 161 4.56 -32.49 -1.21
C GLN D 161 4.04 -33.88 -1.54
N PRO D 162 4.25 -34.36 -2.77
CA PRO D 162 3.67 -35.64 -3.18
C PRO D 162 4.36 -36.80 -2.48
N PRO D 163 3.70 -37.97 -2.42
CA PRO D 163 4.33 -39.12 -1.76
C PRO D 163 5.56 -39.60 -2.52
N VAL D 164 6.42 -40.30 -1.79
CA VAL D 164 7.72 -40.69 -2.34
C VAL D 164 7.54 -41.52 -3.61
N GLN D 165 6.67 -42.53 -3.54
CA GLN D 165 6.41 -43.44 -4.65
C GLN D 165 4.92 -43.60 -4.82
N GLN D 166 4.46 -43.56 -6.08
CA GLN D 166 3.05 -43.67 -6.39
C GLN D 166 2.93 -44.06 -7.87
N VAL D 167 1.69 -44.10 -8.36
CA VAL D 167 1.40 -44.41 -9.76
C VAL D 167 0.44 -43.36 -10.28
N ILE D 168 0.73 -42.81 -11.45
CA ILE D 168 -0.07 -41.75 -12.06
C ILE D 168 -0.04 -41.94 -13.57
N SER D 169 -1.21 -41.86 -14.20
CA SER D 169 -1.35 -42.05 -15.64
C SER D 169 -0.73 -43.37 -16.08
N HIS D 170 -0.94 -44.41 -15.26
CA HIS D 170 -0.44 -45.76 -15.54
C HIS D 170 1.08 -45.80 -15.63
N CYS D 171 1.75 -44.84 -14.99
CA CYS D 171 3.21 -44.79 -14.94
C CYS D 171 3.63 -44.77 -13.47
N ARG D 172 4.62 -45.60 -13.14
CA ARG D 172 5.13 -45.66 -11.78
C ARG D 172 6.13 -44.53 -11.57
N VAL D 173 5.86 -43.65 -10.61
CA VAL D 173 6.63 -42.44 -10.38
C VAL D 173 7.20 -42.47 -8.97
N ASN D 174 8.52 -42.28 -8.85
CA ASN D 174 9.21 -42.22 -7.58
C ASN D 174 10.09 -40.98 -7.55
N TYR D 175 10.41 -40.50 -6.35
CA TYR D 175 11.28 -39.33 -6.25
C TYR D 175 11.89 -39.24 -4.86
N ARG D 176 13.10 -38.68 -4.79
CA ARG D 176 13.77 -38.47 -3.51
C ARG D 176 14.78 -37.32 -3.64
N GLN D 177 15.03 -36.64 -2.52
CA GLN D 177 15.95 -35.51 -2.49
C GLN D 177 16.78 -35.59 -1.20
N LEU D 178 17.52 -34.52 -0.92
CA LEU D 178 18.35 -34.45 0.27
C LEU D 178 18.55 -32.99 0.72
N ALA D 181 17.12 -29.65 4.10
CA ALA D 181 17.50 -29.37 5.47
C ALA D 181 16.28 -28.96 6.31
N ASP D 182 15.25 -29.81 6.30
CA ASP D 182 14.04 -29.58 7.07
C ASP D 182 13.43 -28.21 6.70
N LYS D 183 13.34 -27.96 5.40
CA LYS D 183 12.81 -26.72 4.88
C LYS D 183 12.45 -26.93 3.42
N PRO D 184 11.72 -25.99 2.80
CA PRO D 184 11.20 -26.22 1.44
C PRO D 184 12.21 -26.78 0.45
N GLY D 185 13.32 -26.08 0.24
CA GLY D 185 14.28 -26.52 -0.76
C GLY D 185 13.65 -26.56 -2.14
N LEU D 186 13.93 -27.63 -2.87
CA LEU D 186 13.28 -27.85 -4.17
C LEU D 186 11.93 -28.52 -3.96
N VAL D 187 10.93 -28.04 -4.71
CA VAL D 187 9.55 -28.50 -4.56
C VAL D 187 9.06 -29.08 -5.88
N LEU D 188 8.53 -30.30 -5.83
CA LEU D 188 8.06 -31.01 -7.01
C LEU D 188 6.55 -31.22 -6.93
N ASP D 189 5.88 -31.11 -8.06
CA ASP D 189 4.46 -31.45 -8.14
C ASP D 189 4.18 -32.13 -9.48
N ILE D 190 3.54 -33.31 -9.41
CA ILE D 190 3.27 -34.14 -10.58
C ILE D 190 1.76 -34.40 -10.61
N ALA D 191 1.13 -34.01 -11.72
CA ALA D 191 -0.31 -34.17 -11.90
C ALA D 191 -0.56 -34.93 -13.19
N ALA D 192 -1.77 -35.47 -13.32
CA ALA D 192 -2.19 -36.22 -14.51
C ALA D 192 -2.99 -35.30 -15.40
N LEU D 193 -2.45 -34.99 -16.58
CA LEU D 193 -3.22 -34.22 -17.56
C LEU D 193 -4.35 -35.05 -18.14
N SER D 194 -4.14 -36.35 -18.30
CA SER D 194 -5.17 -37.26 -18.79
C SER D 194 -4.81 -38.66 -18.32
N GLU D 195 -5.50 -39.66 -18.86
CA GLU D 195 -5.22 -41.05 -18.49
C GLU D 195 -3.80 -41.44 -18.89
N ASN D 196 -3.33 -40.94 -20.05
CA ASN D 196 -2.03 -41.31 -20.58
C ASN D 196 -1.09 -40.11 -20.71
N ASP D 197 -1.47 -38.95 -20.21
CA ASP D 197 -0.60 -37.78 -20.14
C ASP D 197 -0.42 -37.38 -18.69
N LEU D 198 0.77 -36.85 -18.37
CA LEU D 198 1.02 -36.37 -17.02
C LEU D 198 2.15 -35.35 -17.07
N ALA D 199 2.00 -34.28 -16.29
CA ALA D 199 2.95 -33.19 -16.30
C ALA D 199 3.41 -32.86 -14.89
N PHE D 200 4.68 -32.45 -14.79
CA PHE D 200 5.27 -32.13 -13.51
C PHE D 200 6.04 -30.82 -13.61
N TYR D 201 6.30 -30.24 -12.44
CA TYR D 201 7.17 -29.07 -12.36
C TYR D 201 7.95 -29.11 -11.06
N CYS D 202 9.20 -28.66 -11.15
CA CYS D 202 10.10 -28.54 -10.00
C CYS D 202 10.52 -27.08 -9.89
N LEU D 203 10.47 -26.55 -8.67
CA LEU D 203 10.72 -25.14 -8.42
C LEU D 203 11.74 -24.97 -7.30
N ASP D 204 12.60 -23.96 -7.45
CA ASP D 204 13.57 -23.58 -6.42
C ASP D 204 13.04 -22.33 -5.73
N VAL D 205 12.46 -22.52 -4.54
CA VAL D 205 11.75 -21.43 -3.86
C VAL D 205 12.71 -20.65 -2.97
N THR D 206 14.01 -20.92 -3.10
CA THR D 206 15.00 -20.31 -2.22
C THR D 206 15.44 -18.94 -2.74
N ARG D 207 15.59 -18.78 -4.05
CA ARG D 207 16.02 -17.51 -4.63
C ARG D 207 14.93 -16.46 -4.64
N ALA D 208 13.67 -16.85 -4.46
CA ALA D 208 12.57 -15.92 -4.30
C ALA D 208 12.12 -15.77 -2.84
N GLY D 209 12.74 -16.51 -1.92
CA GLY D 209 12.35 -16.42 -0.53
C GLY D 209 10.90 -16.80 -0.35
N HIS D 210 10.17 -15.93 0.37
CA HIS D 210 8.75 -16.19 0.61
C HIS D 210 7.96 -16.24 -0.70
N ASN D 211 8.27 -15.35 -1.63
CA ASN D 211 7.57 -15.35 -2.91
C ASN D 211 7.78 -16.66 -3.65
N GLY D 212 8.89 -17.35 -3.40
CA GLY D 212 9.07 -18.67 -3.97
C GLY D 212 8.03 -19.65 -3.48
N VAL D 213 7.79 -19.65 -2.16
CA VAL D 213 6.75 -20.51 -1.58
C VAL D 213 5.38 -20.12 -2.12
N LEU D 214 5.11 -18.82 -2.22
CA LEU D 214 3.83 -18.38 -2.76
C LEU D 214 3.63 -18.84 -4.19
N ALA D 215 4.68 -18.74 -5.02
CA ALA D 215 4.60 -19.22 -6.39
C ALA D 215 4.37 -20.73 -6.44
N ALA D 216 5.06 -21.47 -5.56
CA ALA D 216 4.87 -22.92 -5.52
C ALA D 216 3.42 -23.26 -5.20
N LEU D 217 2.84 -22.59 -4.20
CA LEU D 217 1.44 -22.84 -3.86
C LEU D 217 0.52 -22.47 -5.02
N LEU D 218 0.79 -21.33 -5.66
CA LEU D 218 -0.04 -20.89 -6.78
C LEU D 218 -0.01 -21.92 -7.90
N LEU D 219 1.17 -22.46 -8.21
CA LEU D 219 1.28 -23.49 -9.24
C LEU D 219 0.55 -24.76 -8.82
N ARG D 220 0.69 -25.18 -7.57
CA ARG D 220 -0.08 -26.32 -7.08
C ARG D 220 -1.57 -26.09 -7.28
N ALA D 221 -2.01 -24.83 -7.19
CA ALA D 221 -3.42 -24.53 -7.40
C ALA D 221 -3.79 -24.58 -8.88
N LEU D 222 -2.99 -23.91 -9.72
CA LEU D 222 -3.26 -23.84 -11.16
C LEU D 222 -1.98 -24.17 -11.94
N PHE D 223 -1.67 -25.47 -12.09
CA PHE D 223 -0.65 -25.92 -13.02
C PHE D 223 -1.23 -26.85 -14.08
N ASN D 224 -1.76 -28.01 -13.69
CA ASN D 224 -2.40 -28.90 -14.65
C ASN D 224 -3.64 -28.25 -15.23
N GLY D 225 -4.22 -27.27 -14.53
CA GLY D 225 -5.33 -26.54 -15.10
C GLY D 225 -4.93 -25.77 -16.34
N LEU D 226 -3.86 -24.97 -16.22
CA LEU D 226 -3.41 -24.19 -17.36
C LEU D 226 -2.84 -25.08 -18.45
N LEU D 227 -2.10 -26.12 -18.08
CA LEU D 227 -1.53 -27.01 -19.09
C LEU D 227 -2.62 -27.78 -19.82
N GLN D 228 -3.65 -28.22 -19.09
CA GLN D 228 -4.76 -28.90 -19.73
C GLN D 228 -5.54 -27.97 -20.63
N GLU D 229 -5.70 -26.69 -20.24
CA GLU D 229 -6.37 -25.74 -21.12
C GLU D 229 -5.50 -25.38 -22.32
N GLN D 230 -4.18 -25.38 -22.15
CA GLN D 230 -3.29 -25.11 -23.28
C GLN D 230 -3.36 -26.24 -24.30
N LEU D 231 -3.24 -27.48 -23.84
CA LEU D 231 -3.49 -28.63 -24.69
C LEU D 231 -4.94 -28.68 -25.16
N ALA D 232 -5.83 -27.93 -24.50
CA ALA D 232 -7.24 -27.88 -24.88
C ALA D 232 -7.49 -26.97 -26.07
N HIS D 233 -6.67 -25.94 -26.27
CA HIS D 233 -6.88 -24.99 -27.35
C HIS D 233 -6.06 -25.34 -28.60
N GLN D 234 -5.60 -26.58 -28.69
CA GLN D 234 -4.84 -27.06 -29.85
C GLN D 234 -5.57 -28.25 -30.48
N ASN D 235 -5.34 -28.43 -31.78
CA ASN D 235 -5.73 -29.65 -32.47
C ASN D 235 -4.68 -30.74 -32.37
N GLN D 236 -3.53 -30.45 -31.76
CA GLN D 236 -2.43 -31.39 -31.62
C GLN D 236 -1.98 -31.42 -30.17
N ARG D 237 -1.57 -32.60 -29.70
CA ARG D 237 -1.07 -32.77 -28.33
C ARG D 237 0.38 -32.31 -28.29
N LEU D 238 0.57 -31.01 -28.46
CA LEU D 238 1.90 -30.40 -28.51
C LEU D 238 2.13 -29.60 -27.24
N PRO D 239 2.99 -30.05 -26.32
CA PRO D 239 3.12 -29.34 -25.04
C PRO D 239 3.35 -27.84 -25.15
N GLU D 240 4.23 -27.40 -26.04
CA GLU D 240 4.62 -25.99 -26.16
C GLU D 240 4.82 -25.36 -24.79
N LEU D 241 5.73 -25.96 -24.01
CA LEU D 241 5.92 -25.54 -22.63
C LEU D 241 6.48 -24.12 -22.52
N GLY D 242 7.03 -23.56 -23.59
CA GLY D 242 7.49 -22.18 -23.53
C GLY D 242 6.36 -21.21 -23.26
N ALA D 243 5.21 -21.41 -23.92
CA ALA D 243 4.06 -20.56 -23.68
C ALA D 243 3.56 -20.69 -22.25
N LEU D 244 3.55 -21.93 -21.73
CA LEU D 244 3.16 -22.13 -20.33
C LEU D 244 4.11 -21.41 -19.39
N LEU D 245 5.41 -21.45 -19.66
CA LEU D 245 6.36 -20.72 -18.83
C LEU D 245 6.10 -19.21 -18.88
N LYS D 246 5.82 -18.68 -20.07
CA LYS D 246 5.52 -17.26 -20.18
C LYS D 246 4.26 -16.90 -19.40
N GLN D 247 3.22 -17.74 -19.49
CA GLN D 247 2.01 -17.50 -18.73
C GLN D 247 2.28 -17.53 -17.23
N VAL D 248 3.12 -18.46 -16.78
CA VAL D 248 3.45 -18.52 -15.37
C VAL D 248 4.15 -17.25 -14.91
N ASN D 249 5.11 -16.76 -15.71
CA ASN D 249 5.78 -15.51 -15.37
C ASN D 249 4.76 -14.37 -15.27
N HIS D 250 3.82 -14.33 -16.21
CA HIS D 250 2.80 -13.29 -16.16
C HIS D 250 1.94 -13.41 -14.90
N LEU D 251 1.57 -14.63 -14.52
CA LEU D 251 0.81 -14.82 -13.29
C LEU D 251 1.58 -14.33 -12.08
N LEU D 252 2.87 -14.69 -12.01
CA LEU D 252 3.69 -14.24 -10.89
C LEU D 252 3.65 -12.72 -10.79
N ARG D 253 3.80 -12.04 -11.93
CA ARG D 253 3.67 -10.58 -11.90
C ARG D 253 2.27 -10.17 -11.44
N GLN D 254 1.25 -10.89 -11.90
CA GLN D 254 -0.14 -10.57 -11.55
C GLN D 254 -0.39 -10.74 -10.06
N ALA D 255 0.12 -11.85 -9.48
CA ALA D 255 0.03 -12.06 -8.05
C ALA D 255 0.96 -11.14 -7.27
N ASN D 256 1.80 -10.38 -7.96
CA ASN D 256 2.75 -9.47 -7.32
C ASN D 256 3.76 -10.27 -6.48
N LEU D 257 4.31 -11.31 -7.09
CA LEU D 257 5.34 -12.14 -6.48
C LEU D 257 6.64 -11.94 -7.24
N PRO D 258 7.41 -10.89 -6.94
CA PRO D 258 8.66 -10.65 -7.66
C PRO D 258 9.77 -11.61 -7.25
N GLY D 259 10.94 -11.43 -7.85
CA GLY D 259 12.08 -12.31 -7.62
C GLY D 259 12.28 -13.28 -8.76
N GLN D 260 13.30 -14.12 -8.59
CA GLN D 260 13.65 -15.16 -9.55
C GLN D 260 13.03 -16.48 -9.14
N PHE D 261 12.56 -17.25 -10.13
CA PHE D 261 11.83 -18.49 -9.91
C PHE D 261 12.41 -19.60 -10.77
N PRO D 262 13.54 -20.20 -10.36
CA PRO D 262 14.12 -21.28 -11.15
C PRO D 262 13.18 -22.47 -11.24
N LEU D 263 12.66 -22.73 -12.44
CA LEU D 263 11.65 -23.74 -12.66
C LEU D 263 12.10 -24.72 -13.73
N LEU D 264 11.55 -25.92 -13.66
CA LEU D 264 11.79 -26.96 -14.65
C LEU D 264 10.48 -27.71 -14.85
N VAL D 265 9.93 -27.64 -16.06
CA VAL D 265 8.65 -28.26 -16.36
C VAL D 265 8.89 -29.46 -17.25
N GLY D 266 8.01 -30.46 -17.11
CA GLY D 266 8.09 -31.65 -17.94
C GLY D 266 6.72 -32.20 -18.29
N TYR D 267 6.57 -32.67 -19.52
CA TYR D 267 5.33 -33.26 -20.02
C TYR D 267 5.65 -34.69 -20.48
N TYR D 268 4.76 -35.61 -20.16
CA TYR D 268 4.94 -37.01 -20.53
C TYR D 268 3.65 -37.52 -21.16
N HIS D 269 3.81 -38.25 -22.25
CA HIS D 269 2.72 -38.79 -23.07
C HIS D 269 2.84 -40.30 -23.04
N ARG D 270 2.25 -40.92 -22.01
CA ARG D 270 2.40 -42.36 -21.82
C ARG D 270 1.94 -43.14 -23.04
N GLU D 271 1.03 -42.58 -23.83
CA GLU D 271 0.60 -43.24 -25.06
C GLU D 271 1.79 -43.57 -25.96
N LEU D 272 2.63 -42.57 -26.24
CA LEU D 272 3.82 -42.76 -27.05
C LEU D 272 5.10 -42.68 -26.22
N LYS D 273 4.99 -42.64 -24.90
CA LYS D 273 6.14 -42.59 -23.99
C LYS D 273 7.14 -41.52 -24.44
N ASN D 274 6.65 -40.28 -24.51
CA ASN D 274 7.42 -39.15 -25.01
C ASN D 274 7.62 -38.14 -23.89
N LEU D 275 8.88 -37.90 -23.52
CA LEU D 275 9.25 -36.97 -22.46
C LEU D 275 9.70 -35.66 -23.08
N ILE D 276 9.10 -34.55 -22.64
CA ILE D 276 9.40 -33.22 -23.17
C ILE D 276 9.72 -32.35 -21.95
N LEU D 277 10.99 -32.04 -21.74
CA LEU D 277 11.44 -31.25 -20.59
C LEU D 277 11.93 -29.89 -21.04
N VAL D 278 11.60 -28.87 -20.26
CA VAL D 278 12.03 -27.49 -20.49
C VAL D 278 12.50 -26.91 -19.16
N SER D 279 13.45 -25.98 -19.22
CA SER D 279 14.00 -25.40 -18.01
C SER D 279 14.09 -23.89 -18.14
N ALA D 280 13.90 -23.20 -17.02
CA ALA D 280 13.97 -21.75 -16.92
C ALA D 280 14.76 -21.39 -15.66
N GLY D 281 15.94 -21.99 -15.50
CA GLY D 281 16.84 -21.65 -14.42
C GLY D 281 17.32 -22.86 -13.64
N LEU D 282 16.42 -23.81 -13.40
CA LEU D 282 16.84 -25.07 -12.80
C LEU D 282 17.58 -25.89 -13.82
N ASN D 283 18.53 -26.69 -13.35
CA ASN D 283 19.34 -27.53 -14.21
C ASN D 283 18.99 -28.99 -13.95
N ALA D 284 19.26 -29.85 -14.92
CA ALA D 284 18.90 -31.24 -14.72
C ALA D 284 19.54 -32.14 -15.77
N THR D 285 19.58 -33.43 -15.46
CA THR D 285 20.15 -34.47 -16.31
C THR D 285 19.14 -35.59 -16.49
N LEU D 286 19.02 -36.11 -17.71
CA LEU D 286 18.16 -37.23 -18.06
C LEU D 286 18.99 -38.50 -18.28
N ASN D 287 18.34 -39.66 -18.16
CA ASN D 287 19.01 -40.93 -18.46
C ASN D 287 17.98 -42.06 -18.49
N THR D 288 18.47 -43.27 -18.78
CA THR D 288 17.67 -44.49 -18.88
C THR D 288 16.28 -44.23 -19.41
N GLU D 290 18.55 -44.87 -24.70
CA GLU D 290 19.45 -43.84 -25.20
C GLU D 290 20.61 -43.62 -24.24
N HIS D 291 21.13 -42.40 -24.22
CA HIS D 291 22.21 -42.00 -23.33
C HIS D 291 21.73 -40.90 -22.39
N GLN D 292 22.61 -40.48 -21.49
CA GLN D 292 22.28 -39.46 -20.51
C GLN D 292 22.64 -38.08 -21.05
N VAL D 293 21.71 -37.13 -20.87
CA VAL D 293 21.84 -35.77 -21.39
C VAL D 293 21.73 -34.79 -20.22
N GLN D 294 22.29 -33.60 -20.42
CA GLN D 294 22.14 -32.48 -19.50
C GLN D 294 21.20 -31.44 -20.08
N ILE D 295 20.50 -30.75 -19.18
CA ILE D 295 19.53 -29.73 -19.57
C ILE D 295 20.22 -28.37 -19.49
N SER D 296 20.20 -27.64 -20.60
CA SER D 296 20.89 -26.37 -20.73
C SER D 296 20.48 -25.39 -19.64
N ASN D 297 21.35 -24.43 -19.35
CA ASN D 297 21.08 -23.39 -18.36
C ASN D 297 19.84 -22.59 -18.73
N VAL D 299 16.87 -19.32 -17.99
CA VAL D 299 16.57 -18.01 -17.44
C VAL D 299 15.61 -18.13 -16.26
N PRO D 300 15.96 -17.53 -15.11
CA PRO D 300 15.27 -17.88 -13.85
C PRO D 300 13.77 -17.65 -13.78
N LEU D 301 13.13 -17.17 -14.84
CA LEU D 301 11.67 -17.05 -14.91
C LEU D 301 11.12 -15.89 -14.08
N GLY D 302 12.00 -15.01 -13.58
CA GLY D 302 11.55 -13.81 -12.90
C GLY D 302 11.90 -12.56 -13.67
N THR D 303 12.13 -12.72 -14.97
CA THR D 303 12.65 -11.66 -15.82
C THR D 303 11.76 -11.50 -17.04
N LEU D 304 11.97 -10.39 -17.77
CA LEU D 304 11.18 -10.12 -18.97
C LEU D 304 11.61 -10.99 -20.15
N GLY D 305 12.86 -11.47 -20.15
CA GLY D 305 13.33 -12.29 -21.25
C GLY D 305 12.66 -13.65 -21.30
N ASN D 306 12.90 -14.36 -22.40
CA ASN D 306 12.30 -15.67 -22.65
C ASN D 306 13.39 -16.69 -22.93
N ALA D 307 13.20 -17.89 -22.37
CA ALA D 307 14.13 -19.01 -22.48
C ALA D 307 15.06 -18.93 -23.69
N LEU D 309 14.01 -21.57 -25.17
CA LEU D 309 13.20 -22.48 -25.98
C LEU D 309 14.00 -23.77 -26.21
N ASN D 310 14.35 -24.46 -25.13
CA ASN D 310 15.16 -25.67 -25.19
C ASN D 310 14.32 -26.84 -24.70
N GLN D 311 13.61 -27.49 -25.63
CA GLN D 311 12.82 -28.67 -25.34
C GLN D 311 13.55 -29.92 -25.84
N LEU D 312 12.96 -31.10 -25.59
CA LEU D 312 13.58 -32.36 -25.97
C LEU D 312 12.51 -33.42 -26.21
N SER D 313 12.60 -34.14 -27.33
CA SER D 313 11.61 -35.14 -27.70
C SER D 313 12.13 -36.56 -27.59
N GLN D 314 12.98 -36.84 -26.59
CA GLN D 314 13.56 -38.19 -26.43
C GLN D 314 12.52 -39.13 -25.83
N ARG D 315 11.81 -39.88 -26.70
CA ARG D 315 10.80 -40.83 -26.26
C ARG D 315 11.47 -41.99 -25.52
N CYS D 316 11.22 -42.07 -24.22
CA CYS D 316 11.82 -43.10 -23.37
C CYS D 316 10.72 -43.75 -22.54
N ASP D 317 10.57 -45.06 -22.70
CA ASP D 317 9.54 -45.79 -21.97
C ASP D 317 9.67 -45.56 -20.47
N ALA D 318 10.88 -45.72 -19.95
CA ALA D 318 11.21 -45.42 -18.56
C ALA D 318 12.40 -44.47 -18.55
N TRP D 319 12.39 -43.52 -17.61
CA TRP D 319 13.45 -42.54 -17.55
C TRP D 319 13.78 -42.20 -16.11
N GLN D 320 14.97 -41.62 -15.93
CA GLN D 320 15.45 -41.11 -14.66
C GLN D 320 15.96 -39.69 -14.88
N CYS D 321 15.73 -38.83 -13.90
CA CYS D 321 16.10 -37.42 -14.00
C CYS D 321 16.59 -36.91 -12.66
N GLN D 322 17.63 -36.09 -12.70
CA GLN D 322 18.10 -35.35 -11.53
C GLN D 322 17.95 -33.87 -11.80
N ILE D 323 17.25 -33.17 -10.92
CA ILE D 323 17.00 -31.73 -11.06
C ILE D 323 17.67 -31.04 -9.87
N TRP D 324 18.54 -30.09 -10.15
CA TRP D 324 19.23 -29.37 -9.10
C TRP D 324 19.20 -27.87 -9.36
N GLY D 325 19.26 -27.13 -8.26
CA GLY D 325 19.41 -25.69 -8.25
C GLY D 325 20.05 -25.31 -6.94
N THR D 326 20.32 -24.03 -6.78
CA THR D 326 21.03 -23.58 -5.59
C THR D 326 20.30 -23.98 -4.32
N GLY D 327 18.97 -24.12 -4.38
CA GLY D 327 18.20 -24.47 -3.20
C GLY D 327 18.29 -25.93 -2.79
N GLY D 328 18.75 -26.80 -3.68
CA GLY D 328 18.88 -28.20 -3.36
C GLY D 328 18.87 -29.06 -4.60
N ARG D 329 18.91 -30.37 -4.36
CA ARG D 329 18.95 -31.38 -5.40
C ARG D 329 17.78 -32.35 -5.23
N LEU D 330 17.38 -32.98 -6.34
CA LEU D 330 16.21 -33.85 -6.34
C LEU D 330 16.34 -34.87 -7.47
N ARG D 331 15.64 -35.99 -7.32
CA ARG D 331 15.66 -37.10 -8.26
C ARG D 331 14.24 -37.56 -8.51
N LEU D 332 13.90 -37.78 -9.79
CA LEU D 332 12.58 -38.21 -10.21
C LEU D 332 12.72 -39.33 -11.23
N MET D 333 12.05 -40.46 -10.99
CA MET D 333 12.12 -41.64 -11.84
C MET D 333 10.72 -42.03 -12.28
N LEU D 334 10.59 -42.40 -13.56
CA LEU D 334 9.34 -42.88 -14.12
C LEU D 334 9.57 -44.20 -14.85
N SER D 335 8.60 -45.09 -14.74
CA SER D 335 8.66 -46.37 -15.44
C SER D 335 7.28 -46.80 -15.91
C ACT E . 19.51 -7.66 8.62
O ACT E . 18.35 -7.83 8.16
OXT ACT E . 20.14 -6.59 8.77
CH3 ACT E . 20.27 -8.97 9.08
H1 ACT E . 20.63 -8.83 9.97
H2 ACT E . 20.99 -9.15 8.46
H3 ACT E . 19.65 -9.71 9.08
#